data_3BT4
# 
_entry.id   3BT4 
# 
_audit_conform.dict_name       mmcif_pdbx.dic 
_audit_conform.dict_version    5.398 
_audit_conform.dict_location   http://mmcif.pdb.org/dictionaries/ascii/mmcif_pdbx.dic 
# 
loop_
_database_2.database_id 
_database_2.database_code 
_database_2.pdbx_database_accession 
_database_2.pdbx_DOI 
PDB   3BT4         pdb_00003bt4 10.2210/pdb3bt4/pdb 
RCSB  RCSB045935   ?            ?                   
WWPDB D_1000045935 ?            ?                   
# 
loop_
_pdbx_audit_revision_history.ordinal 
_pdbx_audit_revision_history.data_content_type 
_pdbx_audit_revision_history.major_revision 
_pdbx_audit_revision_history.minor_revision 
_pdbx_audit_revision_history.revision_date 
1 'Structure model' 1 0 2008-12-30 
2 'Structure model' 1 1 2011-07-13 
3 'Structure model' 1 2 2015-12-09 
4 'Structure model' 1 3 2017-10-25 
5 'Structure model' 1 4 2024-10-30 
# 
_pdbx_audit_revision_details.ordinal             1 
_pdbx_audit_revision_details.revision_ordinal    1 
_pdbx_audit_revision_details.data_content_type   'Structure model' 
_pdbx_audit_revision_details.provider            repository 
_pdbx_audit_revision_details.type                'Initial release' 
_pdbx_audit_revision_details.description         ? 
_pdbx_audit_revision_details.details             ? 
# 
loop_
_pdbx_audit_revision_group.ordinal 
_pdbx_audit_revision_group.revision_ordinal 
_pdbx_audit_revision_group.data_content_type 
_pdbx_audit_revision_group.group 
1 2 'Structure model' 'Non-polymer description'   
2 2 'Structure model' 'Version format compliance' 
3 3 'Structure model' 'Database references'       
4 3 'Structure model' 'Derived calculations'      
5 4 'Structure model' 'Refinement description'    
6 5 'Structure model' 'Data collection'           
7 5 'Structure model' 'Database references'       
8 5 'Structure model' 'Derived calculations'      
9 5 'Structure model' 'Structure summary'         
# 
loop_
_pdbx_audit_revision_category.ordinal 
_pdbx_audit_revision_category.revision_ordinal 
_pdbx_audit_revision_category.data_content_type 
_pdbx_audit_revision_category.category 
1 4 'Structure model' software                  
2 5 'Structure model' chem_comp_atom            
3 5 'Structure model' chem_comp_bond            
4 5 'Structure model' database_2                
5 5 'Structure model' pdbx_entry_details        
6 5 'Structure model' pdbx_modification_feature 
7 5 'Structure model' struct_site               
# 
loop_
_pdbx_audit_revision_item.ordinal 
_pdbx_audit_revision_item.revision_ordinal 
_pdbx_audit_revision_item.data_content_type 
_pdbx_audit_revision_item.item 
1 5 'Structure model' '_database_2.pdbx_DOI'                
2 5 'Structure model' '_database_2.pdbx_database_accession' 
3 5 'Structure model' '_struct_site.pdbx_auth_asym_id'      
4 5 'Structure model' '_struct_site.pdbx_auth_comp_id'      
5 5 'Structure model' '_struct_site.pdbx_auth_seq_id'       
# 
_pdbx_database_status.entry_id                        3BT4 
_pdbx_database_status.deposit_site                    RCSB 
_pdbx_database_status.process_site                    PDBJ 
_pdbx_database_status.recvd_initial_deposition_date   2007-12-27 
_pdbx_database_status.status_code                     REL 
_pdbx_database_status.status_code_sf                  REL 
_pdbx_database_status.status_code_mr                  ? 
_pdbx_database_status.SG_entry                        ? 
_pdbx_database_status.status_code_cs                  ? 
_pdbx_database_status.methods_development_category    ? 
_pdbx_database_status.pdb_format_compatible           Y 
_pdbx_database_status.status_code_nmr_data            ? 
# 
loop_
_audit_author.name 
_audit_author.pdbx_ordinal 
'Roy, S.'                1 
'Aravind, P.'            2 
'Madhurantakam, C.'      3 
'Ghosh, A.K.'            4 
'Sankarananarayanan, R.' 5 
'Das, A.K.'              6 
# 
_citation.id                        primary 
_citation.title                     'Crystal structure of a fungal protease inhibitor from Antheraea mylitta' 
_citation.journal_abbrev            J.Struct.Biol. 
_citation.journal_volume            166 
_citation.page_first                79 
_citation.page_last                 87 
_citation.year                      2009 
_citation.journal_id_ASTM           JSBIEM 
_citation.country                   US 
_citation.journal_id_ISSN           1047-8477 
_citation.journal_id_CSD            0803 
_citation.book_publisher            ? 
_citation.pdbx_database_id_PubMed   19263521 
_citation.pdbx_database_id_DOI      ? 
# 
loop_
_citation_author.citation_id 
_citation_author.name 
_citation_author.ordinal 
_citation_author.identifier_ORCID 
primary 'Roy, S.'              1 ? 
primary 'Aravind, P.'          2 ? 
primary 'Madhurantakam, C.'    3 ? 
primary 'Ghosh, A.K.'          4 ? 
primary 'Sankaranarayanan, R.' 5 ? 
primary 'Das, A.K.'            6 ? 
# 
loop_
_entity.id 
_entity.type 
_entity.src_method 
_entity.pdbx_description 
_entity.formula_weight 
_entity.pdbx_number_of_molecules 
_entity.pdbx_ec 
_entity.pdbx_mutation 
_entity.pdbx_fragment 
_entity.details 
1 polymer     nat 'Fungal protease inhibitor-1' 9294.841 1   ? ? ? ? 
2 non-polymer syn GLYCEROL                      92.094   1   ? ? ? ? 
3 water       nat water                         18.015   102 ? ? ? ? 
# 
_entity_name_com.entity_id   1 
_entity_name_com.name        AmFPI-1 
# 
_entity_poly.entity_id                      1 
_entity_poly.type                           'polypeptide(L)' 
_entity_poly.nstd_linkage                   no 
_entity_poly.nstd_monomer                   no 
_entity_poly.pdbx_seq_one_letter_code       
;DLICGTNYCKDHPCTSPIARASCRSPATYRANHSGKCACCPACVTLLRERAACKTYSKEIGETPSAVCQEPLKCLNGVCT
KVTPRR
;
_entity_poly.pdbx_seq_one_letter_code_can   
;DLICGTNYCKDHPCTSPIARASCRSPATYRANHSGKCACCPACVTLLRERAACKTYSKEIGETPSAVCQEPLKCLNGVCT
KVTPRR
;
_entity_poly.pdbx_strand_id                 A 
_entity_poly.pdbx_target_identifier         ? 
# 
loop_
_pdbx_entity_nonpoly.entity_id 
_pdbx_entity_nonpoly.name 
_pdbx_entity_nonpoly.comp_id 
2 GLYCEROL GOL 
3 water    HOH 
# 
loop_
_entity_poly_seq.entity_id 
_entity_poly_seq.num 
_entity_poly_seq.mon_id 
_entity_poly_seq.hetero 
1 1  ASP n 
1 2  LEU n 
1 3  ILE n 
1 4  CYS n 
1 5  GLY n 
1 6  THR n 
1 7  ASN n 
1 8  TYR n 
1 9  CYS n 
1 10 LYS n 
1 11 ASP n 
1 12 HIS n 
1 13 PRO n 
1 14 CYS n 
1 15 THR n 
1 16 SER n 
1 17 PRO n 
1 18 ILE n 
1 19 ALA n 
1 20 ARG n 
1 21 ALA n 
1 22 SER n 
1 23 CYS n 
1 24 ARG n 
1 25 SER n 
1 26 PRO n 
1 27 ALA n 
1 28 THR n 
1 29 TYR n 
1 30 ARG n 
1 31 ALA n 
1 32 ASN n 
1 33 HIS n 
1 34 SER n 
1 35 GLY n 
1 36 LYS n 
1 37 CYS n 
1 38 ALA n 
1 39 CYS n 
1 40 CYS n 
1 41 PRO n 
1 42 ALA n 
1 43 CYS n 
1 44 VAL n 
1 45 THR n 
1 46 LEU n 
1 47 LEU n 
1 48 ARG n 
1 49 GLU n 
1 50 ARG n 
1 51 ALA n 
1 52 ALA n 
1 53 CYS n 
1 54 LYS n 
1 55 THR n 
1 56 TYR n 
1 57 SER n 
1 58 LYS n 
1 59 GLU n 
1 60 ILE n 
1 61 GLY n 
1 62 GLU n 
1 63 THR n 
1 64 PRO n 
1 65 SER n 
1 66 ALA n 
1 67 VAL n 
1 68 CYS n 
1 69 GLN n 
1 70 GLU n 
1 71 PRO n 
1 72 LEU n 
1 73 LYS n 
1 74 CYS n 
1 75 LEU n 
1 76 ASN n 
1 77 GLY n 
1 78 VAL n 
1 79 CYS n 
1 80 THR n 
1 81 LYS n 
1 82 VAL n 
1 83 THR n 
1 84 PRO n 
1 85 ARG n 
1 86 ARG n 
# 
_entity_src_nat.entity_id                  1 
_entity_src_nat.pdbx_src_id                1 
_entity_src_nat.pdbx_alt_source_flag       sample 
_entity_src_nat.pdbx_beg_seq_num           ? 
_entity_src_nat.pdbx_end_seq_num           ? 
_entity_src_nat.common_name                'Tasar silkworm' 
_entity_src_nat.pdbx_organism_scientific   'Antheraea mylitta' 
_entity_src_nat.pdbx_ncbi_taxonomy_id      34739 
_entity_src_nat.genus                      ? 
_entity_src_nat.species                    ? 
_entity_src_nat.strain                     ? 
_entity_src_nat.tissue                     ? 
_entity_src_nat.tissue_fraction            ? 
_entity_src_nat.pdbx_secretion             ? 
_entity_src_nat.pdbx_fragment              ? 
_entity_src_nat.pdbx_variant               ? 
_entity_src_nat.pdbx_cell_line             ? 
_entity_src_nat.pdbx_atcc                  ? 
_entity_src_nat.pdbx_cellular_location     ? 
_entity_src_nat.pdbx_organ                 ? 
_entity_src_nat.pdbx_organelle             ? 
_entity_src_nat.pdbx_cell                  ? 
_entity_src_nat.pdbx_plasmid_name          ? 
_entity_src_nat.pdbx_plasmid_details       ? 
_entity_src_nat.details                    Hemolymph 
# 
loop_
_chem_comp.id 
_chem_comp.type 
_chem_comp.mon_nstd_flag 
_chem_comp.name 
_chem_comp.pdbx_synonyms 
_chem_comp.formula 
_chem_comp.formula_weight 
ALA 'L-peptide linking' y ALANINE         ?                               'C3 H7 N O2'     89.093  
ARG 'L-peptide linking' y ARGININE        ?                               'C6 H15 N4 O2 1' 175.209 
ASN 'L-peptide linking' y ASPARAGINE      ?                               'C4 H8 N2 O3'    132.118 
ASP 'L-peptide linking' y 'ASPARTIC ACID' ?                               'C4 H7 N O4'     133.103 
CYS 'L-peptide linking' y CYSTEINE        ?                               'C3 H7 N O2 S'   121.158 
GLN 'L-peptide linking' y GLUTAMINE       ?                               'C5 H10 N2 O3'   146.144 
GLU 'L-peptide linking' y 'GLUTAMIC ACID' ?                               'C5 H9 N O4'     147.129 
GLY 'peptide linking'   y GLYCINE         ?                               'C2 H5 N O2'     75.067  
GOL non-polymer         . GLYCEROL        'GLYCERIN; PROPANE-1,2,3-TRIOL' 'C3 H8 O3'       92.094  
HIS 'L-peptide linking' y HISTIDINE       ?                               'C6 H10 N3 O2 1' 156.162 
HOH non-polymer         . WATER           ?                               'H2 O'           18.015  
ILE 'L-peptide linking' y ISOLEUCINE      ?                               'C6 H13 N O2'    131.173 
LEU 'L-peptide linking' y LEUCINE         ?                               'C6 H13 N O2'    131.173 
LYS 'L-peptide linking' y LYSINE          ?                               'C6 H15 N2 O2 1' 147.195 
PRO 'L-peptide linking' y PROLINE         ?                               'C5 H9 N O2'     115.130 
SER 'L-peptide linking' y SERINE          ?                               'C3 H7 N O3'     105.093 
THR 'L-peptide linking' y THREONINE       ?                               'C4 H9 N O3'     119.119 
TYR 'L-peptide linking' y TYROSINE        ?                               'C9 H11 N O3'    181.189 
VAL 'L-peptide linking' y VALINE          ?                               'C5 H11 N O2'    117.146 
# 
loop_
_pdbx_poly_seq_scheme.asym_id 
_pdbx_poly_seq_scheme.entity_id 
_pdbx_poly_seq_scheme.seq_id 
_pdbx_poly_seq_scheme.mon_id 
_pdbx_poly_seq_scheme.ndb_seq_num 
_pdbx_poly_seq_scheme.pdb_seq_num 
_pdbx_poly_seq_scheme.auth_seq_num 
_pdbx_poly_seq_scheme.pdb_mon_id 
_pdbx_poly_seq_scheme.auth_mon_id 
_pdbx_poly_seq_scheme.pdb_strand_id 
_pdbx_poly_seq_scheme.pdb_ins_code 
_pdbx_poly_seq_scheme.hetero 
A 1 1  ASP 1  1  1  ASP ASP A . n 
A 1 2  LEU 2  2  2  LEU LEU A . n 
A 1 3  ILE 3  3  3  ILE ILE A . n 
A 1 4  CYS 4  4  4  CYS CYS A . n 
A 1 5  GLY 5  5  5  GLY GLY A . n 
A 1 6  THR 6  6  6  THR THR A . n 
A 1 7  ASN 7  7  7  ASN ASN A . n 
A 1 8  TYR 8  8  8  TYR TYR A . n 
A 1 9  CYS 9  9  9  CYS CYS A . n 
A 1 10 LYS 10 10 10 LYS LYS A . n 
A 1 11 ASP 11 11 11 ASP ASP A . n 
A 1 12 HIS 12 12 12 HIS HIS A . n 
A 1 13 PRO 13 13 13 PRO PRO A . n 
A 1 14 CYS 14 14 14 CYS CYS A . n 
A 1 15 THR 15 15 15 THR THR A . n 
A 1 16 SER 16 16 16 SER SER A . n 
A 1 17 PRO 17 17 17 PRO PRO A . n 
A 1 18 ILE 18 18 18 ILE ILE A . n 
A 1 19 ALA 19 19 19 ALA ALA A . n 
A 1 20 ARG 20 20 20 ARG ARG A . n 
A 1 21 ALA 21 21 21 ALA ALA A . n 
A 1 22 SER 22 22 22 SER SER A . n 
A 1 23 CYS 23 23 23 CYS CYS A . n 
A 1 24 ARG 24 24 24 ARG ARG A . n 
A 1 25 SER 25 25 25 SER SER A . n 
A 1 26 PRO 26 26 26 PRO PRO A . n 
A 1 27 ALA 27 27 27 ALA ALA A . n 
A 1 28 THR 28 28 28 THR THR A . n 
A 1 29 TYR 29 29 29 TYR TYR A . n 
A 1 30 ARG 30 30 30 ARG ARG A . n 
A 1 31 ALA 31 31 31 ALA ALA A . n 
A 1 32 ASN 32 32 32 ASN ASN A . n 
A 1 33 HIS 33 33 33 HIS HIS A . n 
A 1 34 SER 34 34 34 SER SER A . n 
A 1 35 GLY 35 35 35 GLY GLY A . n 
A 1 36 LYS 36 36 36 LYS LYS A . n 
A 1 37 CYS 37 37 37 CYS CYS A . n 
A 1 38 ALA 38 38 38 ALA ALA A . n 
A 1 39 CYS 39 39 39 CYS CYS A . n 
A 1 40 CYS 40 40 40 CYS CYS A . n 
A 1 41 PRO 41 41 41 PRO PRO A . n 
A 1 42 ALA 42 42 42 ALA ALA A . n 
A 1 43 CYS 43 43 43 CYS CYS A . n 
A 1 44 VAL 44 44 44 VAL VAL A . n 
A 1 45 THR 45 45 45 THR THR A . n 
A 1 46 LEU 46 46 46 LEU LEU A . n 
A 1 47 LEU 47 47 47 LEU LEU A . n 
A 1 48 ARG 48 48 48 ARG ARG A . n 
A 1 49 GLU 49 49 49 GLU GLU A . n 
A 1 50 ARG 50 50 50 ARG ARG A . n 
A 1 51 ALA 51 51 51 ALA ALA A . n 
A 1 52 ALA 52 52 52 ALA ALA A . n 
A 1 53 CYS 53 53 53 CYS CYS A . n 
A 1 54 LYS 54 54 54 LYS LYS A . n 
A 1 55 THR 55 55 55 THR THR A . n 
A 1 56 TYR 56 56 56 TYR TYR A . n 
A 1 57 SER 57 57 57 SER SER A . n 
A 1 58 LYS 58 58 58 LYS LYS A . n 
A 1 59 GLU 59 59 59 GLU GLU A . n 
A 1 60 ILE 60 60 60 ILE ILE A . n 
A 1 61 GLY 61 61 61 GLY GLY A . n 
A 1 62 GLU 62 62 62 GLU GLU A . n 
A 1 63 THR 63 63 63 THR THR A . n 
A 1 64 PRO 64 64 64 PRO PRO A . n 
A 1 65 SER 65 65 65 SER SER A . n 
A 1 66 ALA 66 66 66 ALA ALA A . n 
A 1 67 VAL 67 67 67 VAL VAL A . n 
A 1 68 CYS 68 68 68 CYS CYS A . n 
A 1 69 GLN 69 69 69 GLN GLN A . n 
A 1 70 GLU 70 70 70 GLU GLU A . n 
A 1 71 PRO 71 71 71 PRO PRO A . n 
A 1 72 LEU 72 72 72 LEU LEU A . n 
A 1 73 LYS 73 73 73 LYS LYS A . n 
A 1 74 CYS 74 74 74 CYS CYS A . n 
A 1 75 LEU 75 75 75 LEU LEU A . n 
A 1 76 ASN 76 76 76 ASN ASN A . n 
A 1 77 GLY 77 77 77 GLY GLY A . n 
A 1 78 VAL 78 78 78 VAL VAL A . n 
A 1 79 CYS 79 79 79 CYS CYS A . n 
A 1 80 THR 80 80 80 THR THR A . n 
A 1 81 LYS 81 81 81 LYS LYS A . n 
A 1 82 VAL 82 82 82 VAL VAL A . n 
A 1 83 THR 83 83 83 THR THR A . n 
A 1 84 PRO 84 84 84 PRO PRO A . n 
A 1 85 ARG 85 85 85 ARG ARG A . n 
A 1 86 ARG 86 86 ?  ?   ?   A . n 
# 
loop_
_pdbx_nonpoly_scheme.asym_id 
_pdbx_nonpoly_scheme.entity_id 
_pdbx_nonpoly_scheme.mon_id 
_pdbx_nonpoly_scheme.ndb_seq_num 
_pdbx_nonpoly_scheme.pdb_seq_num 
_pdbx_nonpoly_scheme.auth_seq_num 
_pdbx_nonpoly_scheme.pdb_mon_id 
_pdbx_nonpoly_scheme.auth_mon_id 
_pdbx_nonpoly_scheme.pdb_strand_id 
_pdbx_nonpoly_scheme.pdb_ins_code 
B 2 GOL 1   100 100 GOL GOL A . 
C 3 HOH 1   87  87  HOH HOH A . 
C 3 HOH 2   88  88  HOH HOH A . 
C 3 HOH 3   89  89  HOH HOH A . 
C 3 HOH 4   90  90  HOH HOH A . 
C 3 HOH 5   91  91  HOH HOH A . 
C 3 HOH 6   92  92  HOH HOH A . 
C 3 HOH 7   93  93  HOH HOH A . 
C 3 HOH 8   94  94  HOH HOH A . 
C 3 HOH 9   95  95  HOH HOH A . 
C 3 HOH 10  96  96  HOH HOH A . 
C 3 HOH 11  97  97  HOH HOH A . 
C 3 HOH 12  98  98  HOH HOH A . 
C 3 HOH 13  99  99  HOH HOH A . 
C 3 HOH 14  101 101 HOH HOH A . 
C 3 HOH 15  102 102 HOH HOH A . 
C 3 HOH 16  103 1   HOH HOH A . 
C 3 HOH 17  104 2   HOH HOH A . 
C 3 HOH 18  105 3   HOH HOH A . 
C 3 HOH 19  106 4   HOH HOH A . 
C 3 HOH 20  107 5   HOH HOH A . 
C 3 HOH 21  108 6   HOH HOH A . 
C 3 HOH 22  109 7   HOH HOH A . 
C 3 HOH 23  110 8   HOH HOH A . 
C 3 HOH 24  111 9   HOH HOH A . 
C 3 HOH 25  112 10  HOH HOH A . 
C 3 HOH 26  113 11  HOH HOH A . 
C 3 HOH 27  114 12  HOH HOH A . 
C 3 HOH 28  115 13  HOH HOH A . 
C 3 HOH 29  116 14  HOH HOH A . 
C 3 HOH 30  117 15  HOH HOH A . 
C 3 HOH 31  118 16  HOH HOH A . 
C 3 HOH 32  119 17  HOH HOH A . 
C 3 HOH 33  120 18  HOH HOH A . 
C 3 HOH 34  121 19  HOH HOH A . 
C 3 HOH 35  122 20  HOH HOH A . 
C 3 HOH 36  123 21  HOH HOH A . 
C 3 HOH 37  124 22  HOH HOH A . 
C 3 HOH 38  125 23  HOH HOH A . 
C 3 HOH 39  126 24  HOH HOH A . 
C 3 HOH 40  127 25  HOH HOH A . 
C 3 HOH 41  128 26  HOH HOH A . 
C 3 HOH 42  129 27  HOH HOH A . 
C 3 HOH 43  130 28  HOH HOH A . 
C 3 HOH 44  131 29  HOH HOH A . 
C 3 HOH 45  132 30  HOH HOH A . 
C 3 HOH 46  133 31  HOH HOH A . 
C 3 HOH 47  134 32  HOH HOH A . 
C 3 HOH 48  135 33  HOH HOH A . 
C 3 HOH 49  136 34  HOH HOH A . 
C 3 HOH 50  137 35  HOH HOH A . 
C 3 HOH 51  138 36  HOH HOH A . 
C 3 HOH 52  139 37  HOH HOH A . 
C 3 HOH 53  140 38  HOH HOH A . 
C 3 HOH 54  141 39  HOH HOH A . 
C 3 HOH 55  142 40  HOH HOH A . 
C 3 HOH 56  143 41  HOH HOH A . 
C 3 HOH 57  144 42  HOH HOH A . 
C 3 HOH 58  145 43  HOH HOH A . 
C 3 HOH 59  146 44  HOH HOH A . 
C 3 HOH 60  147 45  HOH HOH A . 
C 3 HOH 61  148 46  HOH HOH A . 
C 3 HOH 62  149 47  HOH HOH A . 
C 3 HOH 63  150 48  HOH HOH A . 
C 3 HOH 64  151 49  HOH HOH A . 
C 3 HOH 65  152 50  HOH HOH A . 
C 3 HOH 66  153 51  HOH HOH A . 
C 3 HOH 67  154 52  HOH HOH A . 
C 3 HOH 68  155 53  HOH HOH A . 
C 3 HOH 69  156 54  HOH HOH A . 
C 3 HOH 70  157 55  HOH HOH A . 
C 3 HOH 71  158 56  HOH HOH A . 
C 3 HOH 72  159 57  HOH HOH A . 
C 3 HOH 73  160 58  HOH HOH A . 
C 3 HOH 74  161 59  HOH HOH A . 
C 3 HOH 75  162 60  HOH HOH A . 
C 3 HOH 76  163 61  HOH HOH A . 
C 3 HOH 77  164 62  HOH HOH A . 
C 3 HOH 78  165 63  HOH HOH A . 
C 3 HOH 79  166 64  HOH HOH A . 
C 3 HOH 80  167 65  HOH HOH A . 
C 3 HOH 81  168 66  HOH HOH A . 
C 3 HOH 82  169 67  HOH HOH A . 
C 3 HOH 83  170 68  HOH HOH A . 
C 3 HOH 84  171 69  HOH HOH A . 
C 3 HOH 85  172 70  HOH HOH A . 
C 3 HOH 86  173 71  HOH HOH A . 
C 3 HOH 87  174 72  HOH HOH A . 
C 3 HOH 88  175 73  HOH HOH A . 
C 3 HOH 89  176 74  HOH HOH A . 
C 3 HOH 90  177 75  HOH HOH A . 
C 3 HOH 91  178 76  HOH HOH A . 
C 3 HOH 92  179 77  HOH HOH A . 
C 3 HOH 93  180 78  HOH HOH A . 
C 3 HOH 94  181 79  HOH HOH A . 
C 3 HOH 95  182 80  HOH HOH A . 
C 3 HOH 96  183 81  HOH HOH A . 
C 3 HOH 97  184 82  HOH HOH A . 
C 3 HOH 98  185 83  HOH HOH A . 
C 3 HOH 99  186 84  HOH HOH A . 
C 3 HOH 100 187 85  HOH HOH A . 
C 3 HOH 101 188 86  HOH HOH A . 
C 3 HOH 102 189 100 HOH HOH A . 
# 
loop_
_software.name 
_software.version 
_software.date 
_software.type 
_software.contact_author 
_software.contact_author_email 
_software.classification 
_software.location 
_software.language 
_software.citation_id 
_software.pdbx_ordinal 
DENZO       .        ?                    package 'Zbyszek Otwinowski' zbyszek@mix.swmed.edu    'data reduction'  
http://www.lnls.br/infra/linhasluz/denzo-hkl.htm ?          ? 1 
SCALEPACK   .        ?                    package 'Zbyszek Otwinowski' zbyszek@mix.swmed.edu    'data scaling'    
http://www.lnls.br/infra/linhasluz/denzo-hkl.htm ?          ? 2 
REFMAC      5.2.0019 ?                    program 'Murshudov, G.N.'    ccp4@dl.ac.uk            refinement        
http://www.ccp4.ac.uk/main.html                  Fortran_77 ? 3 
PDB_EXTRACT 3.004    'September 10, 2007' package PDB                  sw-help@rcsb.rutgers.edu 'data extraction' 
http://pdb.rutgers.edu/software/                 C++        ? 4 
HKL-2000    .        ?                    ?       ?                    ?                        'data collection' ? ?          ? 5 
SOLVE       .        ?                    ?       ?                    ?                        phasing           ? ?          ? 6 
# 
_cell.length_a           60.580 
_cell.length_b           60.580 
_cell.length_c           85.065 
_cell.angle_alpha        90.000 
_cell.angle_beta         90.000 
_cell.angle_gamma        120.000 
_cell.entry_id           3BT4 
_cell.pdbx_unique_axis   ? 
_cell.Z_PDB              12 
_cell.length_a_esd       ? 
_cell.length_b_esd       ? 
_cell.length_c_esd       ? 
_cell.angle_alpha_esd    ? 
_cell.angle_beta_esd     ? 
_cell.angle_gamma_esd    ? 
# 
_symmetry.space_group_name_H-M             'P 63 2 2' 
_symmetry.entry_id                         3BT4 
_symmetry.Int_Tables_number                182 
_symmetry.pdbx_full_space_group_name_H-M   ? 
_symmetry.cell_setting                     ? 
_symmetry.space_group_name_Hall            ? 
# 
_exptl.crystals_number   1 
_exptl.entry_id          3BT4 
_exptl.method            'X-RAY DIFFRACTION' 
# 
_exptl_crystal.id                    1 
_exptl_crystal.pdbx_mosaicity        1.500 
_exptl_crystal.pdbx_mosaicity_esd    ? 
_exptl_crystal.density_Matthews      2.42 
_exptl_crystal.density_diffrn        ? 
_exptl_crystal.density_meas          ? 
_exptl_crystal.density_meas_temp     ? 
_exptl_crystal.density_percent_sol   49.26 
_exptl_crystal.size_max              ? 
_exptl_crystal.size_mid              ? 
_exptl_crystal.size_min              ? 
_exptl_crystal.size_rad              ? 
_exptl_crystal.description           ? 
_exptl_crystal.F_000                 ? 
_exptl_crystal.preparation           ? 
# 
_exptl_crystal_grow.crystal_id      1 
_exptl_crystal_grow.method          'VAPOR DIFFUSION, HANGING DROP' 
_exptl_crystal_grow.pH              6.5 
_exptl_crystal_grow.temp            298 
_exptl_crystal_grow.pdbx_details    
'Ammonium sulfate, bis-Tris, PEG3350, pH6.5, vapor diffusion, hanging drop, temperature 298K, VAPOR DIFFUSION, HANGING DROP' 
_exptl_crystal_grow.temp_details    ? 
_exptl_crystal_grow.pdbx_pH_range   . 
# 
_diffrn.id                     1 
_diffrn.ambient_temp           100 
_diffrn.ambient_temp_details   ? 
_diffrn.crystal_id             1 
# 
_diffrn_detector.diffrn_id              1 
_diffrn_detector.detector               'IMAGE PLATE' 
_diffrn_detector.type                   'mar345 dtb' 
_diffrn_detector.pdbx_collection_date   2006-02-01 
_diffrn_detector.details                'Osmic mirrors' 
# 
_diffrn_radiation.diffrn_id                        1 
_diffrn_radiation.pdbx_diffrn_protocol             'SINGLE WAVELENGTH' 
_diffrn_radiation.monochromator                    ? 
_diffrn_radiation.wavelength_id                    1 
_diffrn_radiation.pdbx_monochromatic_or_laue_m_l   M 
_diffrn_radiation.pdbx_scattering_type             x-ray 
# 
_diffrn_radiation_wavelength.id           1 
_diffrn_radiation_wavelength.wavelength   1.54 
_diffrn_radiation_wavelength.wt           1.0 
# 
_diffrn_source.diffrn_id                   1 
_diffrn_source.source                      'ROTATING ANODE' 
_diffrn_source.type                        ? 
_diffrn_source.pdbx_wavelength_list        1.54 
_diffrn_source.pdbx_wavelength             ? 
_diffrn_source.pdbx_synchrotron_site       ? 
_diffrn_source.pdbx_synchrotron_beamline   ? 
# 
_reflns.entry_id                     3BT4 
_reflns.observed_criterion_sigma_F   ? 
_reflns.observed_criterion_sigma_I   ? 
_reflns.d_resolution_high            2.10 
_reflns.d_resolution_low             25.00 
_reflns.number_all                   ? 
_reflns.number_obs                   5816 
_reflns.percent_possible_obs         99.6 
_reflns.pdbx_Rmerge_I_obs            ? 
_reflns.pdbx_Rsym_value              0.131 
_reflns.pdbx_netI_over_sigmaI        12.9 
_reflns.B_iso_Wilson_estimate        10.435 
_reflns.pdbx_redundancy              9.7 
_reflns.R_free_details               ? 
_reflns.limit_h_max                  ? 
_reflns.limit_h_min                  ? 
_reflns.limit_k_max                  ? 
_reflns.limit_k_min                  ? 
_reflns.limit_l_max                  ? 
_reflns.limit_l_min                  ? 
_reflns.observed_criterion_F_max     ? 
_reflns.observed_criterion_F_min     ? 
_reflns.pdbx_chi_squared             ? 
_reflns.pdbx_scaling_rejects         ? 
_reflns.pdbx_ordinal                 1 
_reflns.pdbx_diffrn_id               1 
# 
_reflns_shell.d_res_high             2.10 
_reflns_shell.d_res_low              2.40 
_reflns_shell.percent_possible_obs   ? 
_reflns_shell.percent_possible_all   96.8 
_reflns_shell.Rmerge_I_obs           ? 
_reflns_shell.meanI_over_sigI_obs    2.3 
_reflns_shell.pdbx_Rsym_value        0.523 
_reflns_shell.pdbx_redundancy        6.9 
_reflns_shell.number_unique_all      544 
_reflns_shell.number_measured_all    ? 
_reflns_shell.number_measured_obs    ? 
_reflns_shell.number_unique_obs      ? 
_reflns_shell.pdbx_chi_squared       ? 
_reflns_shell.pdbx_ordinal           1 
_reflns_shell.pdbx_diffrn_id         1 
# 
_refine.entry_id                                 3BT4 
_refine.ls_d_res_high                            2.10 
_refine.ls_d_res_low                             24.94 
_refine.pdbx_ls_sigma_F                          0.00 
_refine.ls_percent_reflns_obs                    99.49 
_refine.ls_number_reflns_obs                     5531 
_refine.pdbx_ls_cross_valid_method               THROUGHOUT 
_refine.pdbx_R_Free_selection_details            RANDOM 
_refine.details                                  'HYDROGENS HAVE BEEN ADDED IN THE RIDING POSITIONS' 
_refine.ls_R_factor_obs                          0.25074 
_refine.ls_R_factor_R_work                       0.24874 
_refine.ls_R_factor_R_free                       0.29306 
_refine.ls_percent_reflns_R_free                 4.6 
_refine.ls_number_reflns_R_free                  266 
_refine.B_iso_mean                               21.168 
_refine.aniso_B[1][1]                            0.89 
_refine.aniso_B[2][2]                            0.89 
_refine.aniso_B[3][3]                            -1.34 
_refine.aniso_B[1][2]                            0.45 
_refine.aniso_B[1][3]                            0.00 
_refine.aniso_B[2][3]                            0.00 
_refine.correlation_coeff_Fo_to_Fc               0.911 
_refine.correlation_coeff_Fo_to_Fc_free          0.863 
_refine.pdbx_overall_ESU_R                       0.283 
_refine.pdbx_overall_ESU_R_Free                  0.228 
_refine.overall_SU_ML                            0.168 
_refine.overall_SU_B                             6.461 
_refine.solvent_model_details                    MASK 
_refine.pdbx_solvent_vdw_probe_radii             1.40 
_refine.pdbx_solvent_ion_probe_radii             0.80 
_refine.pdbx_solvent_shrinkage_radii             0.80 
_refine.pdbx_method_to_determine_struct          SIRAS 
_refine.pdbx_stereochemistry_target_values       'MAXIMUM LIKELIHOOD' 
_refine.pdbx_ls_sigma_I                          ? 
_refine.ls_number_reflns_all                     3009 
_refine.ls_R_factor_all                          ? 
_refine.ls_redundancy_reflns_obs                 ? 
_refine.pdbx_data_cutoff_high_absF               ? 
_refine.pdbx_data_cutoff_low_absF                ? 
_refine.ls_number_parameters                     ? 
_refine.ls_number_restraints                     ? 
_refine.ls_R_factor_R_free_error                 ? 
_refine.ls_R_factor_R_free_error_details         ? 
_refine.pdbx_starting_model                      ? 
_refine.pdbx_stereochem_target_val_spec_case     ? 
_refine.solvent_model_param_bsol                 ? 
_refine.solvent_model_param_ksol                 ? 
_refine.occupancy_max                            ? 
_refine.occupancy_min                            ? 
_refine.pdbx_isotropic_thermal_model             ? 
_refine.B_iso_min                                ? 
_refine.B_iso_max                                ? 
_refine.overall_SU_R_Cruickshank_DPI             ? 
_refine.overall_SU_R_free                        ? 
_refine.pdbx_data_cutoff_high_rms_absF           ? 
_refine.ls_wR_factor_R_free                      ? 
_refine.ls_wR_factor_R_work                      ? 
_refine.overall_FOM_free_R_set                   ? 
_refine.overall_FOM_work_R_set                   ? 
_refine.pdbx_refine_id                           'X-RAY DIFFRACTION' 
_refine.pdbx_overall_phase_error                 ? 
_refine.pdbx_diffrn_id                           1 
_refine.pdbx_TLS_residual_ADP_flag               ? 
_refine.pdbx_overall_SU_R_free_Cruickshank_DPI   ? 
_refine.pdbx_overall_SU_R_Blow_DPI               ? 
_refine.pdbx_overall_SU_R_free_Blow_DPI          ? 
# 
_refine_hist.pdbx_refine_id                   'X-RAY DIFFRACTION' 
_refine_hist.cycle_id                         LAST 
_refine_hist.pdbx_number_atoms_protein        627 
_refine_hist.pdbx_number_atoms_nucleic_acid   0 
_refine_hist.pdbx_number_atoms_ligand         6 
_refine_hist.number_atoms_solvent             102 
_refine_hist.number_atoms_total               735 
_refine_hist.d_res_high                       2.10 
_refine_hist.d_res_low                        24.94 
# 
loop_
_refine_ls_restr.type 
_refine_ls_restr.dev_ideal 
_refine_ls_restr.dev_ideal_target 
_refine_ls_restr.weight 
_refine_ls_restr.number 
_refine_ls_restr.pdbx_refine_id 
_refine_ls_restr.pdbx_restraint_function 
r_bond_refined_d             0.011  0.022  ? 650 'X-RAY DIFFRACTION' ? 
r_bond_other_d               ?      ?      ? ?   'X-RAY DIFFRACTION' ? 
r_angle_refined_deg          1.401  1.993  ? 884 'X-RAY DIFFRACTION' ? 
r_angle_other_deg            ?      ?      ? ?   'X-RAY DIFFRACTION' ? 
r_dihedral_angle_1_deg       6.072  5.000  ? 84  'X-RAY DIFFRACTION' ? 
r_dihedral_angle_2_deg       32.714 21.905 ? 21  'X-RAY DIFFRACTION' ? 
r_dihedral_angle_3_deg       14.661 15.000 ? 108 'X-RAY DIFFRACTION' ? 
r_dihedral_angle_4_deg       18.504 15.000 ? 6   'X-RAY DIFFRACTION' ? 
r_chiral_restr               0.086  0.200  ? 101 'X-RAY DIFFRACTION' ? 
r_gen_planes_refined         0.004  0.020  ? 474 'X-RAY DIFFRACTION' ? 
r_gen_planes_other           ?      ?      ? ?   'X-RAY DIFFRACTION' ? 
r_nbd_refined                0.216  0.200  ? 279 'X-RAY DIFFRACTION' ? 
r_nbd_other                  ?      ?      ? ?   'X-RAY DIFFRACTION' ? 
r_nbtor_refined              0.296  0.200  ? 445 'X-RAY DIFFRACTION' ? 
r_nbtor_other                ?      ?      ? ?   'X-RAY DIFFRACTION' ? 
r_xyhbond_nbd_refined        0.148  0.200  ? 59  'X-RAY DIFFRACTION' ? 
r_xyhbond_nbd_other          ?      ?      ? ?   'X-RAY DIFFRACTION' ? 
r_metal_ion_refined          ?      ?      ? ?   'X-RAY DIFFRACTION' ? 
r_metal_ion_other            ?      ?      ? ?   'X-RAY DIFFRACTION' ? 
r_symmetry_vdw_refined       0.246  0.200  ? 40  'X-RAY DIFFRACTION' ? 
r_symmetry_vdw_other         ?      ?      ? ?   'X-RAY DIFFRACTION' ? 
r_symmetry_hbond_refined     0.169  0.200  ? 13  'X-RAY DIFFRACTION' ? 
r_symmetry_hbond_other       ?      ?      ? ?   'X-RAY DIFFRACTION' ? 
r_symmetry_metal_ion_refined ?      ?      ? ?   'X-RAY DIFFRACTION' ? 
r_symmetry_metal_ion_other   ?      ?      ? ?   'X-RAY DIFFRACTION' ? 
r_mcbond_it                  0.784  1.500  ? 438 'X-RAY DIFFRACTION' ? 
r_mcbond_other               ?      ?      ? ?   'X-RAY DIFFRACTION' ? 
r_mcangle_it                 1.410  2.000  ? 694 'X-RAY DIFFRACTION' ? 
r_scbond_it                  1.634  3.000  ? 232 'X-RAY DIFFRACTION' ? 
r_scangle_it                 2.569  4.500  ? 190 'X-RAY DIFFRACTION' ? 
r_rigid_bond_restr           ?      ?      ? ?   'X-RAY DIFFRACTION' ? 
r_sphericity_free            ?      ?      ? ?   'X-RAY DIFFRACTION' ? 
r_sphericity_bonded          ?      ?      ? ?   'X-RAY DIFFRACTION' ? 
# 
_refine_ls_shell.d_res_high                       2.099 
_refine_ls_shell.d_res_low                        2.154 
_refine_ls_shell.pdbx_total_number_of_bins_used   20 
_refine_ls_shell.percent_reflns_obs               95.60 
_refine_ls_shell.number_reflns_R_work             380 
_refine_ls_shell.R_factor_all                     ? 
_refine_ls_shell.R_factor_R_work                  0.299 
_refine_ls_shell.R_factor_R_free                  0.500 
_refine_ls_shell.percent_reflns_R_free            ? 
_refine_ls_shell.number_reflns_R_free             11 
_refine_ls_shell.R_factor_R_free_error            ? 
_refine_ls_shell.number_reflns_all                223 
_refine_ls_shell.number_reflns_obs                215 
_refine_ls_shell.redundancy_reflns_obs            ? 
_refine_ls_shell.pdbx_refine_id                   'X-RAY DIFFRACTION' 
# 
_struct.entry_id                  3BT4 
_struct.title                     'Crystal Structure Analysis of AmFPI-1, fungal protease inhibitor from Antheraea mylitta' 
_struct.pdbx_model_details        ? 
_struct.pdbx_CASP_flag            ? 
_struct.pdbx_model_type_details   ? 
# 
_struct_keywords.entry_id        3BT4 
_struct_keywords.text            'Protease Inhibitor, Silkworm, Serine protease inhibitor, HYDROLASE INHIBITOR' 
_struct_keywords.pdbx_keywords   'HYDROLASE INHIBITOR' 
# 
loop_
_struct_asym.id 
_struct_asym.pdbx_blank_PDB_chainid_flag 
_struct_asym.pdbx_modified 
_struct_asym.entity_id 
_struct_asym.details 
A N N 1 ? 
B N N 2 ? 
C N N 3 ? 
# 
_struct_ref.id                         1 
_struct_ref.db_name                    UNP 
_struct_ref.db_code                    FPI1_ANTMY 
_struct_ref.pdbx_db_accession          B0JFB8 
_struct_ref.entity_id                  1 
_struct_ref.pdbx_seq_one_letter_code   
;DLICGTNYCKDHPCTSPIARASCRSPATYRANHSGKCACCPACVTLLRERAACKTYSKEIGETPSAVCQEPLKCLNGVCT
KVTPRR
;
_struct_ref.pdbx_align_begin           20 
_struct_ref.pdbx_db_isoform            ? 
# 
_struct_ref_seq.align_id                      1 
_struct_ref_seq.ref_id                        1 
_struct_ref_seq.pdbx_PDB_id_code              3BT4 
_struct_ref_seq.pdbx_strand_id                A 
_struct_ref_seq.seq_align_beg                 1 
_struct_ref_seq.pdbx_seq_align_beg_ins_code   ? 
_struct_ref_seq.seq_align_end                 86 
_struct_ref_seq.pdbx_seq_align_end_ins_code   ? 
_struct_ref_seq.pdbx_db_accession             B0JFB8 
_struct_ref_seq.db_align_beg                  20 
_struct_ref_seq.pdbx_db_align_beg_ins_code    ? 
_struct_ref_seq.db_align_end                  105 
_struct_ref_seq.pdbx_db_align_end_ins_code    ? 
_struct_ref_seq.pdbx_auth_seq_align_beg       1 
_struct_ref_seq.pdbx_auth_seq_align_end       86 
# 
loop_
_pdbx_struct_assembly.id 
_pdbx_struct_assembly.details 
_pdbx_struct_assembly.method_details 
_pdbx_struct_assembly.oligomeric_details 
_pdbx_struct_assembly.oligomeric_count 
1 author_defined_assembly   ?    monomeric 1 
2 software_defined_assembly PISA dimeric   2 
# 
loop_
_pdbx_struct_assembly_prop.biol_id 
_pdbx_struct_assembly_prop.type 
_pdbx_struct_assembly_prop.value 
_pdbx_struct_assembly_prop.details 
2 'ABSA (A^2)' 1710  ? 
2 MORE         -9.0  ? 
2 'SSA (A^2)'  11080 ? 
# 
loop_
_pdbx_struct_assembly_gen.assembly_id 
_pdbx_struct_assembly_gen.oper_expression 
_pdbx_struct_assembly_gen.asym_id_list 
1 1   A,B,C 
2 1,2 A,B,C 
# 
loop_
_pdbx_struct_oper_list.id 
_pdbx_struct_oper_list.type 
_pdbx_struct_oper_list.name 
_pdbx_struct_oper_list.symmetry_operation 
_pdbx_struct_oper_list.matrix[1][1] 
_pdbx_struct_oper_list.matrix[1][2] 
_pdbx_struct_oper_list.matrix[1][3] 
_pdbx_struct_oper_list.vector[1] 
_pdbx_struct_oper_list.matrix[2][1] 
_pdbx_struct_oper_list.matrix[2][2] 
_pdbx_struct_oper_list.matrix[2][3] 
_pdbx_struct_oper_list.vector[2] 
_pdbx_struct_oper_list.matrix[3][1] 
_pdbx_struct_oper_list.matrix[3][2] 
_pdbx_struct_oper_list.matrix[3][3] 
_pdbx_struct_oper_list.vector[3] 
1 'identity operation'         1_555 x,y,z      1.0000000000  0.0000000000  0.0000000000  0.0000000000  0.0000000000  1.0000000000  0.0000000000 0.0000000000 0.0000000000  0.0000000000 1.0000000000 0.0000000000  
2 'crystal symmetry operation' 9_555 -x,-x+y,-z -0.9979730153 -0.0254144169 -0.0583435362 21.0252786144 -0.0254144169 -0.6813530087 0.7315136259 8.8008228228 -0.0583435362 0.7315136259 0.6793260240 -3.1031691494 
# 
_struct_biol.id        1 
_struct_biol.details   ? 
# 
loop_
_struct_conf.conf_type_id 
_struct_conf.id 
_struct_conf.pdbx_PDB_helix_id 
_struct_conf.beg_label_comp_id 
_struct_conf.beg_label_asym_id 
_struct_conf.beg_label_seq_id 
_struct_conf.pdbx_beg_PDB_ins_code 
_struct_conf.end_label_comp_id 
_struct_conf.end_label_asym_id 
_struct_conf.end_label_seq_id 
_struct_conf.pdbx_end_PDB_ins_code 
_struct_conf.beg_auth_comp_id 
_struct_conf.beg_auth_asym_id 
_struct_conf.beg_auth_seq_id 
_struct_conf.end_auth_comp_id 
_struct_conf.end_auth_asym_id 
_struct_conf.end_auth_seq_id 
_struct_conf.pdbx_PDB_helix_class 
_struct_conf.details 
_struct_conf.pdbx_PDB_helix_length 
HELX_P HELX_P1 1 ASN A 7  ? HIS A 12 ? ASN A 7  HIS A 12 1 ? 6 
HELX_P HELX_P2 2 ALA A 19 ? CYS A 23 ? ALA A 19 CYS A 23 5 ? 5 
HELX_P HELX_P3 3 GLY A 35 ? CYS A 39 ? GLY A 35 CYS A 39 5 ? 5 
# 
_struct_conf_type.id          HELX_P 
_struct_conf_type.criteria    ? 
_struct_conf_type.reference   ? 
# 
loop_
_struct_conn.id 
_struct_conn.conn_type_id 
_struct_conn.pdbx_leaving_atom_flag 
_struct_conn.pdbx_PDB_id 
_struct_conn.ptnr1_label_asym_id 
_struct_conn.ptnr1_label_comp_id 
_struct_conn.ptnr1_label_seq_id 
_struct_conn.ptnr1_label_atom_id 
_struct_conn.pdbx_ptnr1_label_alt_id 
_struct_conn.pdbx_ptnr1_PDB_ins_code 
_struct_conn.pdbx_ptnr1_standard_comp_id 
_struct_conn.ptnr1_symmetry 
_struct_conn.ptnr2_label_asym_id 
_struct_conn.ptnr2_label_comp_id 
_struct_conn.ptnr2_label_seq_id 
_struct_conn.ptnr2_label_atom_id 
_struct_conn.pdbx_ptnr2_label_alt_id 
_struct_conn.pdbx_ptnr2_PDB_ins_code 
_struct_conn.ptnr1_auth_asym_id 
_struct_conn.ptnr1_auth_comp_id 
_struct_conn.ptnr1_auth_seq_id 
_struct_conn.ptnr2_auth_asym_id 
_struct_conn.ptnr2_auth_comp_id 
_struct_conn.ptnr2_auth_seq_id 
_struct_conn.ptnr2_symmetry 
_struct_conn.pdbx_ptnr3_label_atom_id 
_struct_conn.pdbx_ptnr3_label_seq_id 
_struct_conn.pdbx_ptnr3_label_comp_id 
_struct_conn.pdbx_ptnr3_label_asym_id 
_struct_conn.pdbx_ptnr3_label_alt_id 
_struct_conn.pdbx_ptnr3_PDB_ins_code 
_struct_conn.details 
_struct_conn.pdbx_dist_value 
_struct_conn.pdbx_value_order 
_struct_conn.pdbx_role 
disulf1 disulf ? ? A CYS 4  SG ? ? ? 1_555 A CYS 37 SG ? ? A CYS 4  A CYS 37 1_555 ? ? ? ? ? ? ? 2.027 ? ? 
disulf2 disulf ? ? A CYS 9  SG ? ? ? 1_555 A CYS 39 SG ? ? A CYS 9  A CYS 39 1_555 ? ? ? ? ? ? ? 2.005 ? ? 
disulf3 disulf ? ? A CYS 14 SG ? ? ? 1_555 A CYS 40 SG ? ? A CYS 14 A CYS 40 1_555 ? ? ? ? ? ? ? 2.061 ? ? 
disulf4 disulf ? ? A CYS 23 SG ? ? ? 1_555 A CYS 43 SG ? ? A CYS 23 A CYS 43 1_555 ? ? ? ? ? ? ? 2.054 ? ? 
disulf5 disulf ? ? A CYS 53 SG ? ? ? 1_555 A CYS 74 SG ? ? A CYS 53 A CYS 74 1_555 ? ? ? ? ? ? ? 2.045 ? ? 
disulf6 disulf ? ? A CYS 68 SG ? ? ? 1_555 A CYS 79 SG ? ? A CYS 68 A CYS 79 1_555 ? ? ? ? ? ? ? 2.060 ? ? 
# 
_struct_conn_type.id          disulf 
_struct_conn_type.criteria    ? 
_struct_conn_type.reference   ? 
# 
loop_
_pdbx_modification_feature.ordinal 
_pdbx_modification_feature.label_comp_id 
_pdbx_modification_feature.label_asym_id 
_pdbx_modification_feature.label_seq_id 
_pdbx_modification_feature.label_alt_id 
_pdbx_modification_feature.modified_residue_label_comp_id 
_pdbx_modification_feature.modified_residue_label_asym_id 
_pdbx_modification_feature.modified_residue_label_seq_id 
_pdbx_modification_feature.modified_residue_label_alt_id 
_pdbx_modification_feature.auth_comp_id 
_pdbx_modification_feature.auth_asym_id 
_pdbx_modification_feature.auth_seq_id 
_pdbx_modification_feature.PDB_ins_code 
_pdbx_modification_feature.symmetry 
_pdbx_modification_feature.modified_residue_auth_comp_id 
_pdbx_modification_feature.modified_residue_auth_asym_id 
_pdbx_modification_feature.modified_residue_auth_seq_id 
_pdbx_modification_feature.modified_residue_PDB_ins_code 
_pdbx_modification_feature.modified_residue_symmetry 
_pdbx_modification_feature.comp_id_linking_atom 
_pdbx_modification_feature.modified_residue_id_linking_atom 
_pdbx_modification_feature.modified_residue_id 
_pdbx_modification_feature.ref_pcm_id 
_pdbx_modification_feature.ref_comp_id 
_pdbx_modification_feature.type 
_pdbx_modification_feature.category 
1 CYS A 4  ? CYS A 37 ? CYS A 4  ? 1_555 CYS A 37 ? 1_555 SG SG . . . None 'Disulfide bridge' 
2 CYS A 9  ? CYS A 39 ? CYS A 9  ? 1_555 CYS A 39 ? 1_555 SG SG . . . None 'Disulfide bridge' 
3 CYS A 14 ? CYS A 40 ? CYS A 14 ? 1_555 CYS A 40 ? 1_555 SG SG . . . None 'Disulfide bridge' 
4 CYS A 23 ? CYS A 43 ? CYS A 23 ? 1_555 CYS A 43 ? 1_555 SG SG . . . None 'Disulfide bridge' 
5 CYS A 53 ? CYS A 74 ? CYS A 53 ? 1_555 CYS A 74 ? 1_555 SG SG . . . None 'Disulfide bridge' 
6 CYS A 68 ? CYS A 79 ? CYS A 68 ? 1_555 CYS A 79 ? 1_555 SG SG . . . None 'Disulfide bridge' 
# 
loop_
_struct_mon_prot_cis.pdbx_id 
_struct_mon_prot_cis.label_comp_id 
_struct_mon_prot_cis.label_seq_id 
_struct_mon_prot_cis.label_asym_id 
_struct_mon_prot_cis.label_alt_id 
_struct_mon_prot_cis.pdbx_PDB_ins_code 
_struct_mon_prot_cis.auth_comp_id 
_struct_mon_prot_cis.auth_seq_id 
_struct_mon_prot_cis.auth_asym_id 
_struct_mon_prot_cis.pdbx_label_comp_id_2 
_struct_mon_prot_cis.pdbx_label_seq_id_2 
_struct_mon_prot_cis.pdbx_label_asym_id_2 
_struct_mon_prot_cis.pdbx_PDB_ins_code_2 
_struct_mon_prot_cis.pdbx_auth_comp_id_2 
_struct_mon_prot_cis.pdbx_auth_seq_id_2 
_struct_mon_prot_cis.pdbx_auth_asym_id_2 
_struct_mon_prot_cis.pdbx_PDB_model_num 
_struct_mon_prot_cis.pdbx_omega_angle 
1 SER 25 A . ? SER 25 A PRO 26 A ? PRO 26 A 1 13.39 
2 GLU 70 A . ? GLU 70 A PRO 71 A ? PRO 71 A 1 4.88  
# 
loop_
_struct_sheet.id 
_struct_sheet.type 
_struct_sheet.number_strands 
_struct_sheet.details 
A ? 3 ? 
B ? 2 ? 
# 
loop_
_struct_sheet_order.sheet_id 
_struct_sheet_order.range_id_1 
_struct_sheet_order.range_id_2 
_struct_sheet_order.offset 
_struct_sheet_order.sense 
A 1 2 ? anti-parallel 
A 2 3 ? parallel      
B 1 2 ? anti-parallel 
# 
loop_
_struct_sheet_range.sheet_id 
_struct_sheet_range.id 
_struct_sheet_range.beg_label_comp_id 
_struct_sheet_range.beg_label_asym_id 
_struct_sheet_range.beg_label_seq_id 
_struct_sheet_range.pdbx_beg_PDB_ins_code 
_struct_sheet_range.end_label_comp_id 
_struct_sheet_range.end_label_asym_id 
_struct_sheet_range.end_label_seq_id 
_struct_sheet_range.pdbx_end_PDB_ins_code 
_struct_sheet_range.beg_auth_comp_id 
_struct_sheet_range.beg_auth_asym_id 
_struct_sheet_range.beg_auth_seq_id 
_struct_sheet_range.end_auth_comp_id 
_struct_sheet_range.end_auth_asym_id 
_struct_sheet_range.end_auth_seq_id 
A 1 THR A 28 ? SER A 34 ? THR A 28 SER A 34 
A 2 CYS A 40 ? LEU A 47 ? CYS A 40 LEU A 47 
A 3 ALA A 66 ? CYS A 68 ? ALA A 66 CYS A 68 
B 1 LYS A 73 ? LEU A 75 ? LYS A 73 LEU A 75 
B 2 VAL A 78 ? THR A 80 ? VAL A 78 THR A 80 
# 
loop_
_pdbx_struct_sheet_hbond.sheet_id 
_pdbx_struct_sheet_hbond.range_id_1 
_pdbx_struct_sheet_hbond.range_id_2 
_pdbx_struct_sheet_hbond.range_1_label_atom_id 
_pdbx_struct_sheet_hbond.range_1_label_comp_id 
_pdbx_struct_sheet_hbond.range_1_label_asym_id 
_pdbx_struct_sheet_hbond.range_1_label_seq_id 
_pdbx_struct_sheet_hbond.range_1_PDB_ins_code 
_pdbx_struct_sheet_hbond.range_1_auth_atom_id 
_pdbx_struct_sheet_hbond.range_1_auth_comp_id 
_pdbx_struct_sheet_hbond.range_1_auth_asym_id 
_pdbx_struct_sheet_hbond.range_1_auth_seq_id 
_pdbx_struct_sheet_hbond.range_2_label_atom_id 
_pdbx_struct_sheet_hbond.range_2_label_comp_id 
_pdbx_struct_sheet_hbond.range_2_label_asym_id 
_pdbx_struct_sheet_hbond.range_2_label_seq_id 
_pdbx_struct_sheet_hbond.range_2_PDB_ins_code 
_pdbx_struct_sheet_hbond.range_2_auth_atom_id 
_pdbx_struct_sheet_hbond.range_2_auth_comp_id 
_pdbx_struct_sheet_hbond.range_2_auth_asym_id 
_pdbx_struct_sheet_hbond.range_2_auth_seq_id 
A 1 2 N SER A 34 ? N SER A 34 O CYS A 40 ? O CYS A 40 
A 2 3 N THR A 45 ? N THR A 45 O VAL A 67 ? O VAL A 67 
B 1 2 N LYS A 73 ? N LYS A 73 O THR A 80 ? O THR A 80 
# 
_struct_site.id                   AC1 
_struct_site.pdbx_evidence_code   Software 
_struct_site.pdbx_auth_asym_id    A 
_struct_site.pdbx_auth_comp_id    GOL 
_struct_site.pdbx_auth_seq_id     100 
_struct_site.pdbx_auth_ins_code   ? 
_struct_site.pdbx_num_residues    3 
_struct_site.details              'BINDING SITE FOR RESIDUE GOL A 100' 
# 
loop_
_struct_site_gen.id 
_struct_site_gen.site_id 
_struct_site_gen.pdbx_num_res 
_struct_site_gen.label_comp_id 
_struct_site_gen.label_asym_id 
_struct_site_gen.label_seq_id 
_struct_site_gen.pdbx_auth_ins_code 
_struct_site_gen.auth_comp_id 
_struct_site_gen.auth_asym_id 
_struct_site_gen.auth_seq_id 
_struct_site_gen.label_atom_id 
_struct_site_gen.label_alt_id 
_struct_site_gen.symmetry 
_struct_site_gen.details 
1 AC1 3 LYS A 54 ? LYS A 54 . ? 1_555 ? 
2 AC1 3 SER A 65 ? SER A 65 . ? 1_555 ? 
3 AC1 3 ALA A 66 ? ALA A 66 . ? 1_555 ? 
# 
_pdbx_entry_details.entry_id                   3BT4 
_pdbx_entry_details.compound_details           ? 
_pdbx_entry_details.source_details             ? 
_pdbx_entry_details.nonpolymer_details         ? 
_pdbx_entry_details.sequence_details           ? 
_pdbx_entry_details.has_ligand_of_interest     ? 
_pdbx_entry_details.has_protein_modification   Y 
# 
loop_
_pdbx_validate_torsion.id 
_pdbx_validate_torsion.PDB_model_num 
_pdbx_validate_torsion.auth_comp_id 
_pdbx_validate_torsion.auth_asym_id 
_pdbx_validate_torsion.auth_seq_id 
_pdbx_validate_torsion.PDB_ins_code 
_pdbx_validate_torsion.label_alt_id 
_pdbx_validate_torsion.phi 
_pdbx_validate_torsion.psi 
1 1 ILE A 3  ? ? -19.57  122.94 
2 1 CYS A 4  ? ? -102.07 77.26  
3 1 HIS A 33 ? ? -138.66 -47.89 
4 1 CYS A 37 ? ? 59.33   13.82  
5 1 ARG A 50 ? ? 87.45   -25.23 
# 
_diffrn_reflns.diffrn_id                   1 
_diffrn_reflns.pdbx_d_res_high             2.400 
_diffrn_reflns.pdbx_d_res_low              25.000 
_diffrn_reflns.pdbx_number_obs             3996 
_diffrn_reflns.pdbx_Rmerge_I_obs           0.172 
_diffrn_reflns.pdbx_Rsym_value             ? 
_diffrn_reflns.pdbx_chi_squared            0.96 
_diffrn_reflns.av_sigmaI_over_netI         7.70 
_diffrn_reflns.pdbx_redundancy             13.80 
_diffrn_reflns.pdbx_percent_possible_obs   99.90 
_diffrn_reflns.number                      55028 
_diffrn_reflns.pdbx_observed_criterion     ? 
_diffrn_reflns.limit_h_max                 ? 
_diffrn_reflns.limit_h_min                 ? 
_diffrn_reflns.limit_k_max                 ? 
_diffrn_reflns.limit_k_min                 ? 
_diffrn_reflns.limit_l_max                 ? 
_diffrn_reflns.limit_l_min                 ? 
# 
loop_
_pdbx_diffrn_reflns_shell.diffrn_id 
_pdbx_diffrn_reflns_shell.d_res_high 
_pdbx_diffrn_reflns_shell.d_res_low 
_pdbx_diffrn_reflns_shell.number_obs 
_pdbx_diffrn_reflns_shell.rejects 
_pdbx_diffrn_reflns_shell.Rmerge_I_obs 
_pdbx_diffrn_reflns_shell.Rsym_value 
_pdbx_diffrn_reflns_shell.chi_squared 
_pdbx_diffrn_reflns_shell.redundancy 
_pdbx_diffrn_reflns_shell.percent_possible_obs 
1 5.16 25.00 ? ? 0.091 ? 1.531 13.70 99.80  
1 4.10 5.16  ? ? 0.108 ? 1.389 15.10 100.00 
1 3.58 4.10  ? ? 0.131 ? 1.222 15.40 100.00 
1 3.26 3.58  ? ? 0.171 ? 0.928 15.10 100.00 
1 3.02 3.26  ? ? 0.218 ? 0.839 15.30 100.00 
1 2.84 3.02  ? ? 0.274 ? 0.735 15.10 100.00 
1 2.70 2.84  ? ? 0.401 ? 0.627 14.60 100.00 
1 2.59 2.70  ? ? 0.482 ? 0.661 14.00 100.00 
1 2.49 2.59  ? ? 0.597 ? 0.625 11.30 100.00 
1 2.40 2.49  ? ? 0.690 ? 0.634 7.70  98.90  
# 
_pdbx_unobs_or_zero_occ_residues.id               1 
_pdbx_unobs_or_zero_occ_residues.PDB_model_num    1 
_pdbx_unobs_or_zero_occ_residues.polymer_flag     Y 
_pdbx_unobs_or_zero_occ_residues.occupancy_flag   1 
_pdbx_unobs_or_zero_occ_residues.auth_asym_id     A 
_pdbx_unobs_or_zero_occ_residues.auth_comp_id     ARG 
_pdbx_unobs_or_zero_occ_residues.auth_seq_id      86 
_pdbx_unobs_or_zero_occ_residues.PDB_ins_code     ? 
_pdbx_unobs_or_zero_occ_residues.label_asym_id    A 
_pdbx_unobs_or_zero_occ_residues.label_comp_id    ARG 
_pdbx_unobs_or_zero_occ_residues.label_seq_id     86 
# 
loop_
_chem_comp_atom.comp_id 
_chem_comp_atom.atom_id 
_chem_comp_atom.type_symbol 
_chem_comp_atom.pdbx_aromatic_flag 
_chem_comp_atom.pdbx_stereo_config 
_chem_comp_atom.pdbx_ordinal 
ALA N    N N N 1   
ALA CA   C N S 2   
ALA C    C N N 3   
ALA O    O N N 4   
ALA CB   C N N 5   
ALA OXT  O N N 6   
ALA H    H N N 7   
ALA H2   H N N 8   
ALA HA   H N N 9   
ALA HB1  H N N 10  
ALA HB2  H N N 11  
ALA HB3  H N N 12  
ALA HXT  H N N 13  
ARG N    N N N 14  
ARG CA   C N S 15  
ARG C    C N N 16  
ARG O    O N N 17  
ARG CB   C N N 18  
ARG CG   C N N 19  
ARG CD   C N N 20  
ARG NE   N N N 21  
ARG CZ   C N N 22  
ARG NH1  N N N 23  
ARG NH2  N N N 24  
ARG OXT  O N N 25  
ARG H    H N N 26  
ARG H2   H N N 27  
ARG HA   H N N 28  
ARG HB2  H N N 29  
ARG HB3  H N N 30  
ARG HG2  H N N 31  
ARG HG3  H N N 32  
ARG HD2  H N N 33  
ARG HD3  H N N 34  
ARG HE   H N N 35  
ARG HH11 H N N 36  
ARG HH12 H N N 37  
ARG HH21 H N N 38  
ARG HH22 H N N 39  
ARG HXT  H N N 40  
ASN N    N N N 41  
ASN CA   C N S 42  
ASN C    C N N 43  
ASN O    O N N 44  
ASN CB   C N N 45  
ASN CG   C N N 46  
ASN OD1  O N N 47  
ASN ND2  N N N 48  
ASN OXT  O N N 49  
ASN H    H N N 50  
ASN H2   H N N 51  
ASN HA   H N N 52  
ASN HB2  H N N 53  
ASN HB3  H N N 54  
ASN HD21 H N N 55  
ASN HD22 H N N 56  
ASN HXT  H N N 57  
ASP N    N N N 58  
ASP CA   C N S 59  
ASP C    C N N 60  
ASP O    O N N 61  
ASP CB   C N N 62  
ASP CG   C N N 63  
ASP OD1  O N N 64  
ASP OD2  O N N 65  
ASP OXT  O N N 66  
ASP H    H N N 67  
ASP H2   H N N 68  
ASP HA   H N N 69  
ASP HB2  H N N 70  
ASP HB3  H N N 71  
ASP HD2  H N N 72  
ASP HXT  H N N 73  
CYS N    N N N 74  
CYS CA   C N R 75  
CYS C    C N N 76  
CYS O    O N N 77  
CYS CB   C N N 78  
CYS SG   S N N 79  
CYS OXT  O N N 80  
CYS H    H N N 81  
CYS H2   H N N 82  
CYS HA   H N N 83  
CYS HB2  H N N 84  
CYS HB3  H N N 85  
CYS HG   H N N 86  
CYS HXT  H N N 87  
GLN N    N N N 88  
GLN CA   C N S 89  
GLN C    C N N 90  
GLN O    O N N 91  
GLN CB   C N N 92  
GLN CG   C N N 93  
GLN CD   C N N 94  
GLN OE1  O N N 95  
GLN NE2  N N N 96  
GLN OXT  O N N 97  
GLN H    H N N 98  
GLN H2   H N N 99  
GLN HA   H N N 100 
GLN HB2  H N N 101 
GLN HB3  H N N 102 
GLN HG2  H N N 103 
GLN HG3  H N N 104 
GLN HE21 H N N 105 
GLN HE22 H N N 106 
GLN HXT  H N N 107 
GLU N    N N N 108 
GLU CA   C N S 109 
GLU C    C N N 110 
GLU O    O N N 111 
GLU CB   C N N 112 
GLU CG   C N N 113 
GLU CD   C N N 114 
GLU OE1  O N N 115 
GLU OE2  O N N 116 
GLU OXT  O N N 117 
GLU H    H N N 118 
GLU H2   H N N 119 
GLU HA   H N N 120 
GLU HB2  H N N 121 
GLU HB3  H N N 122 
GLU HG2  H N N 123 
GLU HG3  H N N 124 
GLU HE2  H N N 125 
GLU HXT  H N N 126 
GLY N    N N N 127 
GLY CA   C N N 128 
GLY C    C N N 129 
GLY O    O N N 130 
GLY OXT  O N N 131 
GLY H    H N N 132 
GLY H2   H N N 133 
GLY HA2  H N N 134 
GLY HA3  H N N 135 
GLY HXT  H N N 136 
GOL C1   C N N 137 
GOL O1   O N N 138 
GOL C2   C N N 139 
GOL O2   O N N 140 
GOL C3   C N N 141 
GOL O3   O N N 142 
GOL H11  H N N 143 
GOL H12  H N N 144 
GOL HO1  H N N 145 
GOL H2   H N N 146 
GOL HO2  H N N 147 
GOL H31  H N N 148 
GOL H32  H N N 149 
GOL HO3  H N N 150 
HIS N    N N N 151 
HIS CA   C N S 152 
HIS C    C N N 153 
HIS O    O N N 154 
HIS CB   C N N 155 
HIS CG   C Y N 156 
HIS ND1  N Y N 157 
HIS CD2  C Y N 158 
HIS CE1  C Y N 159 
HIS NE2  N Y N 160 
HIS OXT  O N N 161 
HIS H    H N N 162 
HIS H2   H N N 163 
HIS HA   H N N 164 
HIS HB2  H N N 165 
HIS HB3  H N N 166 
HIS HD1  H N N 167 
HIS HD2  H N N 168 
HIS HE1  H N N 169 
HIS HE2  H N N 170 
HIS HXT  H N N 171 
HOH O    O N N 172 
HOH H1   H N N 173 
HOH H2   H N N 174 
ILE N    N N N 175 
ILE CA   C N S 176 
ILE C    C N N 177 
ILE O    O N N 178 
ILE CB   C N S 179 
ILE CG1  C N N 180 
ILE CG2  C N N 181 
ILE CD1  C N N 182 
ILE OXT  O N N 183 
ILE H    H N N 184 
ILE H2   H N N 185 
ILE HA   H N N 186 
ILE HB   H N N 187 
ILE HG12 H N N 188 
ILE HG13 H N N 189 
ILE HG21 H N N 190 
ILE HG22 H N N 191 
ILE HG23 H N N 192 
ILE HD11 H N N 193 
ILE HD12 H N N 194 
ILE HD13 H N N 195 
ILE HXT  H N N 196 
LEU N    N N N 197 
LEU CA   C N S 198 
LEU C    C N N 199 
LEU O    O N N 200 
LEU CB   C N N 201 
LEU CG   C N N 202 
LEU CD1  C N N 203 
LEU CD2  C N N 204 
LEU OXT  O N N 205 
LEU H    H N N 206 
LEU H2   H N N 207 
LEU HA   H N N 208 
LEU HB2  H N N 209 
LEU HB3  H N N 210 
LEU HG   H N N 211 
LEU HD11 H N N 212 
LEU HD12 H N N 213 
LEU HD13 H N N 214 
LEU HD21 H N N 215 
LEU HD22 H N N 216 
LEU HD23 H N N 217 
LEU HXT  H N N 218 
LYS N    N N N 219 
LYS CA   C N S 220 
LYS C    C N N 221 
LYS O    O N N 222 
LYS CB   C N N 223 
LYS CG   C N N 224 
LYS CD   C N N 225 
LYS CE   C N N 226 
LYS NZ   N N N 227 
LYS OXT  O N N 228 
LYS H    H N N 229 
LYS H2   H N N 230 
LYS HA   H N N 231 
LYS HB2  H N N 232 
LYS HB3  H N N 233 
LYS HG2  H N N 234 
LYS HG3  H N N 235 
LYS HD2  H N N 236 
LYS HD3  H N N 237 
LYS HE2  H N N 238 
LYS HE3  H N N 239 
LYS HZ1  H N N 240 
LYS HZ2  H N N 241 
LYS HZ3  H N N 242 
LYS HXT  H N N 243 
PRO N    N N N 244 
PRO CA   C N S 245 
PRO C    C N N 246 
PRO O    O N N 247 
PRO CB   C N N 248 
PRO CG   C N N 249 
PRO CD   C N N 250 
PRO OXT  O N N 251 
PRO H    H N N 252 
PRO HA   H N N 253 
PRO HB2  H N N 254 
PRO HB3  H N N 255 
PRO HG2  H N N 256 
PRO HG3  H N N 257 
PRO HD2  H N N 258 
PRO HD3  H N N 259 
PRO HXT  H N N 260 
SER N    N N N 261 
SER CA   C N S 262 
SER C    C N N 263 
SER O    O N N 264 
SER CB   C N N 265 
SER OG   O N N 266 
SER OXT  O N N 267 
SER H    H N N 268 
SER H2   H N N 269 
SER HA   H N N 270 
SER HB2  H N N 271 
SER HB3  H N N 272 
SER HG   H N N 273 
SER HXT  H N N 274 
THR N    N N N 275 
THR CA   C N S 276 
THR C    C N N 277 
THR O    O N N 278 
THR CB   C N R 279 
THR OG1  O N N 280 
THR CG2  C N N 281 
THR OXT  O N N 282 
THR H    H N N 283 
THR H2   H N N 284 
THR HA   H N N 285 
THR HB   H N N 286 
THR HG1  H N N 287 
THR HG21 H N N 288 
THR HG22 H N N 289 
THR HG23 H N N 290 
THR HXT  H N N 291 
TYR N    N N N 292 
TYR CA   C N S 293 
TYR C    C N N 294 
TYR O    O N N 295 
TYR CB   C N N 296 
TYR CG   C Y N 297 
TYR CD1  C Y N 298 
TYR CD2  C Y N 299 
TYR CE1  C Y N 300 
TYR CE2  C Y N 301 
TYR CZ   C Y N 302 
TYR OH   O N N 303 
TYR OXT  O N N 304 
TYR H    H N N 305 
TYR H2   H N N 306 
TYR HA   H N N 307 
TYR HB2  H N N 308 
TYR HB3  H N N 309 
TYR HD1  H N N 310 
TYR HD2  H N N 311 
TYR HE1  H N N 312 
TYR HE2  H N N 313 
TYR HH   H N N 314 
TYR HXT  H N N 315 
VAL N    N N N 316 
VAL CA   C N S 317 
VAL C    C N N 318 
VAL O    O N N 319 
VAL CB   C N N 320 
VAL CG1  C N N 321 
VAL CG2  C N N 322 
VAL OXT  O N N 323 
VAL H    H N N 324 
VAL H2   H N N 325 
VAL HA   H N N 326 
VAL HB   H N N 327 
VAL HG11 H N N 328 
VAL HG12 H N N 329 
VAL HG13 H N N 330 
VAL HG21 H N N 331 
VAL HG22 H N N 332 
VAL HG23 H N N 333 
VAL HXT  H N N 334 
# 
loop_
_chem_comp_bond.comp_id 
_chem_comp_bond.atom_id_1 
_chem_comp_bond.atom_id_2 
_chem_comp_bond.value_order 
_chem_comp_bond.pdbx_aromatic_flag 
_chem_comp_bond.pdbx_stereo_config 
_chem_comp_bond.pdbx_ordinal 
ALA N   CA   sing N N 1   
ALA N   H    sing N N 2   
ALA N   H2   sing N N 3   
ALA CA  C    sing N N 4   
ALA CA  CB   sing N N 5   
ALA CA  HA   sing N N 6   
ALA C   O    doub N N 7   
ALA C   OXT  sing N N 8   
ALA CB  HB1  sing N N 9   
ALA CB  HB2  sing N N 10  
ALA CB  HB3  sing N N 11  
ALA OXT HXT  sing N N 12  
ARG N   CA   sing N N 13  
ARG N   H    sing N N 14  
ARG N   H2   sing N N 15  
ARG CA  C    sing N N 16  
ARG CA  CB   sing N N 17  
ARG CA  HA   sing N N 18  
ARG C   O    doub N N 19  
ARG C   OXT  sing N N 20  
ARG CB  CG   sing N N 21  
ARG CB  HB2  sing N N 22  
ARG CB  HB3  sing N N 23  
ARG CG  CD   sing N N 24  
ARG CG  HG2  sing N N 25  
ARG CG  HG3  sing N N 26  
ARG CD  NE   sing N N 27  
ARG CD  HD2  sing N N 28  
ARG CD  HD3  sing N N 29  
ARG NE  CZ   sing N N 30  
ARG NE  HE   sing N N 31  
ARG CZ  NH1  sing N N 32  
ARG CZ  NH2  doub N N 33  
ARG NH1 HH11 sing N N 34  
ARG NH1 HH12 sing N N 35  
ARG NH2 HH21 sing N N 36  
ARG NH2 HH22 sing N N 37  
ARG OXT HXT  sing N N 38  
ASN N   CA   sing N N 39  
ASN N   H    sing N N 40  
ASN N   H2   sing N N 41  
ASN CA  C    sing N N 42  
ASN CA  CB   sing N N 43  
ASN CA  HA   sing N N 44  
ASN C   O    doub N N 45  
ASN C   OXT  sing N N 46  
ASN CB  CG   sing N N 47  
ASN CB  HB2  sing N N 48  
ASN CB  HB3  sing N N 49  
ASN CG  OD1  doub N N 50  
ASN CG  ND2  sing N N 51  
ASN ND2 HD21 sing N N 52  
ASN ND2 HD22 sing N N 53  
ASN OXT HXT  sing N N 54  
ASP N   CA   sing N N 55  
ASP N   H    sing N N 56  
ASP N   H2   sing N N 57  
ASP CA  C    sing N N 58  
ASP CA  CB   sing N N 59  
ASP CA  HA   sing N N 60  
ASP C   O    doub N N 61  
ASP C   OXT  sing N N 62  
ASP CB  CG   sing N N 63  
ASP CB  HB2  sing N N 64  
ASP CB  HB3  sing N N 65  
ASP CG  OD1  doub N N 66  
ASP CG  OD2  sing N N 67  
ASP OD2 HD2  sing N N 68  
ASP OXT HXT  sing N N 69  
CYS N   CA   sing N N 70  
CYS N   H    sing N N 71  
CYS N   H2   sing N N 72  
CYS CA  C    sing N N 73  
CYS CA  CB   sing N N 74  
CYS CA  HA   sing N N 75  
CYS C   O    doub N N 76  
CYS C   OXT  sing N N 77  
CYS CB  SG   sing N N 78  
CYS CB  HB2  sing N N 79  
CYS CB  HB3  sing N N 80  
CYS SG  HG   sing N N 81  
CYS OXT HXT  sing N N 82  
GLN N   CA   sing N N 83  
GLN N   H    sing N N 84  
GLN N   H2   sing N N 85  
GLN CA  C    sing N N 86  
GLN CA  CB   sing N N 87  
GLN CA  HA   sing N N 88  
GLN C   O    doub N N 89  
GLN C   OXT  sing N N 90  
GLN CB  CG   sing N N 91  
GLN CB  HB2  sing N N 92  
GLN CB  HB3  sing N N 93  
GLN CG  CD   sing N N 94  
GLN CG  HG2  sing N N 95  
GLN CG  HG3  sing N N 96  
GLN CD  OE1  doub N N 97  
GLN CD  NE2  sing N N 98  
GLN NE2 HE21 sing N N 99  
GLN NE2 HE22 sing N N 100 
GLN OXT HXT  sing N N 101 
GLU N   CA   sing N N 102 
GLU N   H    sing N N 103 
GLU N   H2   sing N N 104 
GLU CA  C    sing N N 105 
GLU CA  CB   sing N N 106 
GLU CA  HA   sing N N 107 
GLU C   O    doub N N 108 
GLU C   OXT  sing N N 109 
GLU CB  CG   sing N N 110 
GLU CB  HB2  sing N N 111 
GLU CB  HB3  sing N N 112 
GLU CG  CD   sing N N 113 
GLU CG  HG2  sing N N 114 
GLU CG  HG3  sing N N 115 
GLU CD  OE1  doub N N 116 
GLU CD  OE2  sing N N 117 
GLU OE2 HE2  sing N N 118 
GLU OXT HXT  sing N N 119 
GLY N   CA   sing N N 120 
GLY N   H    sing N N 121 
GLY N   H2   sing N N 122 
GLY CA  C    sing N N 123 
GLY CA  HA2  sing N N 124 
GLY CA  HA3  sing N N 125 
GLY C   O    doub N N 126 
GLY C   OXT  sing N N 127 
GLY OXT HXT  sing N N 128 
GOL C1  O1   sing N N 129 
GOL C1  C2   sing N N 130 
GOL C1  H11  sing N N 131 
GOL C1  H12  sing N N 132 
GOL O1  HO1  sing N N 133 
GOL C2  O2   sing N N 134 
GOL C2  C3   sing N N 135 
GOL C2  H2   sing N N 136 
GOL O2  HO2  sing N N 137 
GOL C3  O3   sing N N 138 
GOL C3  H31  sing N N 139 
GOL C3  H32  sing N N 140 
GOL O3  HO3  sing N N 141 
HIS N   CA   sing N N 142 
HIS N   H    sing N N 143 
HIS N   H2   sing N N 144 
HIS CA  C    sing N N 145 
HIS CA  CB   sing N N 146 
HIS CA  HA   sing N N 147 
HIS C   O    doub N N 148 
HIS C   OXT  sing N N 149 
HIS CB  CG   sing N N 150 
HIS CB  HB2  sing N N 151 
HIS CB  HB3  sing N N 152 
HIS CG  ND1  sing Y N 153 
HIS CG  CD2  doub Y N 154 
HIS ND1 CE1  doub Y N 155 
HIS ND1 HD1  sing N N 156 
HIS CD2 NE2  sing Y N 157 
HIS CD2 HD2  sing N N 158 
HIS CE1 NE2  sing Y N 159 
HIS CE1 HE1  sing N N 160 
HIS NE2 HE2  sing N N 161 
HIS OXT HXT  sing N N 162 
HOH O   H1   sing N N 163 
HOH O   H2   sing N N 164 
ILE N   CA   sing N N 165 
ILE N   H    sing N N 166 
ILE N   H2   sing N N 167 
ILE CA  C    sing N N 168 
ILE CA  CB   sing N N 169 
ILE CA  HA   sing N N 170 
ILE C   O    doub N N 171 
ILE C   OXT  sing N N 172 
ILE CB  CG1  sing N N 173 
ILE CB  CG2  sing N N 174 
ILE CB  HB   sing N N 175 
ILE CG1 CD1  sing N N 176 
ILE CG1 HG12 sing N N 177 
ILE CG1 HG13 sing N N 178 
ILE CG2 HG21 sing N N 179 
ILE CG2 HG22 sing N N 180 
ILE CG2 HG23 sing N N 181 
ILE CD1 HD11 sing N N 182 
ILE CD1 HD12 sing N N 183 
ILE CD1 HD13 sing N N 184 
ILE OXT HXT  sing N N 185 
LEU N   CA   sing N N 186 
LEU N   H    sing N N 187 
LEU N   H2   sing N N 188 
LEU CA  C    sing N N 189 
LEU CA  CB   sing N N 190 
LEU CA  HA   sing N N 191 
LEU C   O    doub N N 192 
LEU C   OXT  sing N N 193 
LEU CB  CG   sing N N 194 
LEU CB  HB2  sing N N 195 
LEU CB  HB3  sing N N 196 
LEU CG  CD1  sing N N 197 
LEU CG  CD2  sing N N 198 
LEU CG  HG   sing N N 199 
LEU CD1 HD11 sing N N 200 
LEU CD1 HD12 sing N N 201 
LEU CD1 HD13 sing N N 202 
LEU CD2 HD21 sing N N 203 
LEU CD2 HD22 sing N N 204 
LEU CD2 HD23 sing N N 205 
LEU OXT HXT  sing N N 206 
LYS N   CA   sing N N 207 
LYS N   H    sing N N 208 
LYS N   H2   sing N N 209 
LYS CA  C    sing N N 210 
LYS CA  CB   sing N N 211 
LYS CA  HA   sing N N 212 
LYS C   O    doub N N 213 
LYS C   OXT  sing N N 214 
LYS CB  CG   sing N N 215 
LYS CB  HB2  sing N N 216 
LYS CB  HB3  sing N N 217 
LYS CG  CD   sing N N 218 
LYS CG  HG2  sing N N 219 
LYS CG  HG3  sing N N 220 
LYS CD  CE   sing N N 221 
LYS CD  HD2  sing N N 222 
LYS CD  HD3  sing N N 223 
LYS CE  NZ   sing N N 224 
LYS CE  HE2  sing N N 225 
LYS CE  HE3  sing N N 226 
LYS NZ  HZ1  sing N N 227 
LYS NZ  HZ2  sing N N 228 
LYS NZ  HZ3  sing N N 229 
LYS OXT HXT  sing N N 230 
PRO N   CA   sing N N 231 
PRO N   CD   sing N N 232 
PRO N   H    sing N N 233 
PRO CA  C    sing N N 234 
PRO CA  CB   sing N N 235 
PRO CA  HA   sing N N 236 
PRO C   O    doub N N 237 
PRO C   OXT  sing N N 238 
PRO CB  CG   sing N N 239 
PRO CB  HB2  sing N N 240 
PRO CB  HB3  sing N N 241 
PRO CG  CD   sing N N 242 
PRO CG  HG2  sing N N 243 
PRO CG  HG3  sing N N 244 
PRO CD  HD2  sing N N 245 
PRO CD  HD3  sing N N 246 
PRO OXT HXT  sing N N 247 
SER N   CA   sing N N 248 
SER N   H    sing N N 249 
SER N   H2   sing N N 250 
SER CA  C    sing N N 251 
SER CA  CB   sing N N 252 
SER CA  HA   sing N N 253 
SER C   O    doub N N 254 
SER C   OXT  sing N N 255 
SER CB  OG   sing N N 256 
SER CB  HB2  sing N N 257 
SER CB  HB3  sing N N 258 
SER OG  HG   sing N N 259 
SER OXT HXT  sing N N 260 
THR N   CA   sing N N 261 
THR N   H    sing N N 262 
THR N   H2   sing N N 263 
THR CA  C    sing N N 264 
THR CA  CB   sing N N 265 
THR CA  HA   sing N N 266 
THR C   O    doub N N 267 
THR C   OXT  sing N N 268 
THR CB  OG1  sing N N 269 
THR CB  CG2  sing N N 270 
THR CB  HB   sing N N 271 
THR OG1 HG1  sing N N 272 
THR CG2 HG21 sing N N 273 
THR CG2 HG22 sing N N 274 
THR CG2 HG23 sing N N 275 
THR OXT HXT  sing N N 276 
TYR N   CA   sing N N 277 
TYR N   H    sing N N 278 
TYR N   H2   sing N N 279 
TYR CA  C    sing N N 280 
TYR CA  CB   sing N N 281 
TYR CA  HA   sing N N 282 
TYR C   O    doub N N 283 
TYR C   OXT  sing N N 284 
TYR CB  CG   sing N N 285 
TYR CB  HB2  sing N N 286 
TYR CB  HB3  sing N N 287 
TYR CG  CD1  doub Y N 288 
TYR CG  CD2  sing Y N 289 
TYR CD1 CE1  sing Y N 290 
TYR CD1 HD1  sing N N 291 
TYR CD2 CE2  doub Y N 292 
TYR CD2 HD2  sing N N 293 
TYR CE1 CZ   doub Y N 294 
TYR CE1 HE1  sing N N 295 
TYR CE2 CZ   sing Y N 296 
TYR CE2 HE2  sing N N 297 
TYR CZ  OH   sing N N 298 
TYR OH  HH   sing N N 299 
TYR OXT HXT  sing N N 300 
VAL N   CA   sing N N 301 
VAL N   H    sing N N 302 
VAL N   H2   sing N N 303 
VAL CA  C    sing N N 304 
VAL CA  CB   sing N N 305 
VAL CA  HA   sing N N 306 
VAL C   O    doub N N 307 
VAL C   OXT  sing N N 308 
VAL CB  CG1  sing N N 309 
VAL CB  CG2  sing N N 310 
VAL CB  HB   sing N N 311 
VAL CG1 HG11 sing N N 312 
VAL CG1 HG12 sing N N 313 
VAL CG1 HG13 sing N N 314 
VAL CG2 HG21 sing N N 315 
VAL CG2 HG22 sing N N 316 
VAL CG2 HG23 sing N N 317 
VAL OXT HXT  sing N N 318 
# 
_atom_sites.entry_id                    3BT4 
_atom_sites.fract_transf_matrix[1][1]   -0.00682766 
_atom_sites.fract_transf_matrix[1][2]   0.01622680 
_atom_sites.fract_transf_matrix[1][3]   -0.00730590 
_atom_sites.fract_transf_matrix[2][1]   -0.00393944 
_atom_sites.fract_transf_matrix[2][2]   0.01470262 
_atom_sites.fract_transf_matrix[2][3]   0.01147324 
_atom_sites.fract_transf_matrix[3][1]   0.01096950 
_atom_sites.fract_transf_matrix[3][2]   0.00400223 
_atom_sites.fract_transf_matrix[3][3]   -0.00136227 
_atom_sites.fract_transf_vector[1]      -0.010970 
_atom_sites.fract_transf_vector[2]      0.387347 
_atom_sites.fract_transf_vector[3]      -0.135044 
# 
loop_
_atom_type.symbol 
C 
N 
O 
S 
# 
loop_
_atom_site.group_PDB 
_atom_site.id 
_atom_site.type_symbol 
_atom_site.label_atom_id 
_atom_site.label_alt_id 
_atom_site.label_comp_id 
_atom_site.label_asym_id 
_atom_site.label_entity_id 
_atom_site.label_seq_id 
_atom_site.pdbx_PDB_ins_code 
_atom_site.Cartn_x 
_atom_site.Cartn_y 
_atom_site.Cartn_z 
_atom_site.occupancy 
_atom_site.B_iso_or_equiv 
_atom_site.pdbx_formal_charge 
_atom_site.auth_seq_id 
_atom_site.auth_comp_id 
_atom_site.auth_asym_id 
_atom_site.auth_atom_id 
_atom_site.pdbx_PDB_model_num 
ATOM   1   N N   . ASP A 1 1  ? 9.458   8.258   -10.836 1.00 40.81 ? 1   ASP A N   1 
ATOM   2   C CA  . ASP A 1 1  ? 8.533   8.910   -9.861  1.00 40.68 ? 1   ASP A CA  1 
ATOM   3   C C   . ASP A 1 1  ? 7.392   9.624   -10.610 1.00 40.36 ? 1   ASP A C   1 
ATOM   4   O O   . ASP A 1 1  ? 7.489   10.813  -10.940 1.00 40.75 ? 1   ASP A O   1 
ATOM   5   C CB  . ASP A 1 1  ? 9.317   9.888   -8.976  1.00 40.93 ? 1   ASP A CB  1 
ATOM   6   C CG  . ASP A 1 1  ? 8.595   10.221  -7.668  1.00 42.13 ? 1   ASP A CG  1 
ATOM   7   O OD1 . ASP A 1 1  ? 8.580   9.385   -6.742  1.00 42.85 ? 1   ASP A OD1 1 
ATOM   8   O OD2 . ASP A 1 1  ? 8.061   11.338  -7.540  1.00 43.84 ? 1   ASP A OD2 1 
ATOM   9   N N   . LEU A 1 2  ? 6.309   8.900   -10.881 1.00 39.48 ? 2   LEU A N   1 
ATOM   10  C CA  . LEU A 1 2  ? 5.246   9.416   -11.764 1.00 38.73 ? 2   LEU A CA  1 
ATOM   11  C C   . LEU A 1 2  ? 4.078   10.098  -11.042 1.00 37.48 ? 2   LEU A C   1 
ATOM   12  O O   . LEU A 1 2  ? 3.054   9.451   -10.804 1.00 37.90 ? 2   LEU A O   1 
ATOM   13  C CB  . LEU A 1 2  ? 4.741   8.319   -12.742 1.00 38.80 ? 2   LEU A CB  1 
ATOM   14  C CG  . LEU A 1 2  ? 4.764   6.822   -12.390 1.00 39.24 ? 2   LEU A CG  1 
ATOM   15  C CD1 . LEU A 1 2  ? 3.559   6.370   -11.557 1.00 39.19 ? 2   LEU A CD1 1 
ATOM   16  C CD2 . LEU A 1 2  ? 4.860   5.995   -13.668 1.00 39.52 ? 2   LEU A CD2 1 
ATOM   17  N N   . ILE A 1 3  ? 4.226   11.393  -10.729 1.00 35.54 ? 3   ILE A N   1 
ATOM   18  C CA  . ILE A 1 3  ? 3.196   12.206  -10.009 1.00 33.82 ? 3   ILE A CA  1 
ATOM   19  C C   . ILE A 1 3  ? 1.748   11.645  -10.032 1.00 32.16 ? 3   ILE A C   1 
ATOM   20  O O   . ILE A 1 3  ? 1.164   11.411  -11.101 1.00 31.98 ? 3   ILE A O   1 
ATOM   21  C CB  . ILE A 1 3  ? 3.189   13.713  -10.441 1.00 34.13 ? 3   ILE A CB  1 
ATOM   22  C CG1 . ILE A 1 3  ? 4.564   14.363  -10.219 1.00 33.81 ? 3   ILE A CG1 1 
ATOM   23  C CG2 . ILE A 1 3  ? 2.091   14.493  -9.685  1.00 34.98 ? 3   ILE A CG2 1 
ATOM   24  C CD1 . ILE A 1 3  ? 4.714   15.782  -10.820 1.00 33.95 ? 3   ILE A CD1 1 
ATOM   25  N N   . CYS A 1 4  ? 1.187   11.429  -8.841  1.00 29.48 ? 4   CYS A N   1 
ATOM   26  C CA  . CYS A 1 4  ? -0.099  10.761  -8.728  1.00 26.75 ? 4   CYS A CA  1 
ATOM   27  C C   . CYS A 1 4  ? -1.175  11.797  -8.473  1.00 26.31 ? 4   CYS A C   1 
ATOM   28  O O   . CYS A 1 4  ? -1.626  11.960  -7.343  1.00 26.13 ? 4   CYS A O   1 
ATOM   29  C CB  . CYS A 1 4  ? -0.068  9.713   -7.604  1.00 26.31 ? 4   CYS A CB  1 
ATOM   30  S SG  . CYS A 1 4  ? 1.114   8.388   -7.857  1.00 19.76 ? 4   CYS A SG  1 
ATOM   31  N N   . GLY A 1 5  ? -1.567  12.502  -9.533  1.00 25.72 ? 5   GLY A N   1 
ATOM   32  C CA  . GLY A 1 5  ? -2.606  13.539  -9.464  1.00 24.73 ? 5   GLY A CA  1 
ATOM   33  C C   . GLY A 1 5  ? -3.946  12.931  -9.112  1.00 23.83 ? 5   GLY A C   1 
ATOM   34  O O   . GLY A 1 5  ? -4.132  11.722  -9.238  1.00 24.07 ? 5   GLY A O   1 
ATOM   35  N N   . THR A 1 6  ? -4.891  13.746  -8.670  1.00 23.26 ? 6   THR A N   1 
ATOM   36  C CA  . THR A 1 6  ? -6.170  13.195  -8.220  1.00 22.99 ? 6   THR A CA  1 
ATOM   37  C C   . THR A 1 6  ? -6.872  12.294  -9.266  1.00 21.91 ? 6   THR A C   1 
ATOM   38  O O   . THR A 1 6  ? -7.587  11.351  -8.901  1.00 21.64 ? 6   THR A O   1 
ATOM   39  C CB  . THR A 1 6  ? -7.106  14.285  -7.678  1.00 23.22 ? 6   THR A CB  1 
ATOM   40  O OG1 . THR A 1 6  ? -7.247  15.312  -8.658  1.00 24.55 ? 6   THR A OG1 1 
ATOM   41  C CG2 . THR A 1 6  ? -6.523  14.888  -6.387  1.00 24.55 ? 6   THR A CG2 1 
ATOM   42  N N   . ASN A 1 7  ? -6.618  12.549  -10.550 1.00 20.62 ? 7   ASN A N   1 
ATOM   43  C CA  . ASN A 1 7  ? -7.289  11.828  -11.638 1.00 19.63 ? 7   ASN A CA  1 
ATOM   44  C C   . ASN A 1 7  ? -6.446  10.806  -12.372 1.00 18.80 ? 7   ASN A C   1 
ATOM   45  O O   . ASN A 1 7  ? -6.859  10.308  -13.417 1.00 18.74 ? 7   ASN A O   1 
ATOM   46  C CB  . ASN A 1 7  ? -7.803  12.817  -12.676 1.00 20.22 ? 7   ASN A CB  1 
ATOM   47  C CG  . ASN A 1 7  ? -8.912  13.680  -12.149 1.00 20.87 ? 7   ASN A CG  1 
ATOM   48  O OD1 . ASN A 1 7  ? -9.841  13.195  -11.503 1.00 22.04 ? 7   ASN A OD1 1 
ATOM   49  N ND2 . ASN A 1 7  ? -8.826  14.976  -12.426 1.00 22.75 ? 7   ASN A ND2 1 
ATOM   50  N N   . TYR A 1 8  ? -5.261  10.506  -11.850 1.00 17.46 ? 8   TYR A N   1 
ATOM   51  C CA  . TYR A 1 8  ? -4.364  9.527   -12.474 1.00 16.20 ? 8   TYR A CA  1 
ATOM   52  C C   . TYR A 1 8  ? -5.056  8.191   -12.770 1.00 15.76 ? 8   TYR A C   1 
ATOM   53  O O   . TYR A 1 8  ? -4.986  7.678   -13.897 1.00 14.41 ? 8   TYR A O   1 
ATOM   54  C CB  . TYR A 1 8  ? -3.131  9.301   -11.592 1.00 16.41 ? 8   TYR A CB  1 
ATOM   55  C CG  . TYR A 1 8  ? -2.148  8.314   -12.175 1.00 14.99 ? 8   TYR A CG  1 
ATOM   56  C CD1 . TYR A 1 8  ? -1.042  8.750   -12.889 1.00 15.10 ? 8   TYR A CD1 1 
ATOM   57  C CD2 . TYR A 1 8  ? -2.336  6.950   -12.015 1.00 13.70 ? 8   TYR A CD2 1 
ATOM   58  C CE1 . TYR A 1 8  ? -0.150  7.840   -13.434 1.00 15.90 ? 8   TYR A CE1 1 
ATOM   59  C CE2 . TYR A 1 8  ? -1.461  6.039   -12.549 1.00 14.78 ? 8   TYR A CE2 1 
ATOM   60  C CZ  . TYR A 1 8  ? -0.365  6.484   -13.252 1.00 15.07 ? 8   TYR A CZ  1 
ATOM   61  O OH  . TYR A 1 8  ? 0.508   5.564   -13.781 1.00 16.50 ? 8   TYR A OH  1 
ATOM   62  N N   . CYS A 1 9  ? -5.736  7.641   -11.755 1.00 15.37 ? 9   CYS A N   1 
ATOM   63  C CA  . CYS A 1 9  ? -6.402  6.346   -11.891 1.00 15.13 ? 9   CYS A CA  1 
ATOM   64  C C   . CYS A 1 9  ? -7.598  6.344   -12.872 1.00 15.18 ? 9   CYS A C   1 
ATOM   65  O O   . CYS A 1 9  ? -8.013  5.287   -13.345 1.00 15.74 ? 9   CYS A O   1 
ATOM   66  C CB  . CYS A 1 9  ? -6.784  5.779   -10.518 1.00 14.89 ? 9   CYS A CB  1 
ATOM   67  S SG  . CYS A 1 9  ? -5.364  5.570   -9.399  1.00 15.61 ? 9   CYS A SG  1 
ATOM   68  N N   . LYS A 1 10 ? -8.141  7.518   -13.185 1.00 15.55 ? 10  LYS A N   1 
ATOM   69  C CA  . LYS A 1 10 ? -9.133  7.639   -14.283 1.00 16.02 ? 10  LYS A CA  1 
ATOM   70  C C   . LYS A 1 10 ? -8.473  7.362   -15.634 1.00 15.71 ? 10  LYS A C   1 
ATOM   71  O O   . LYS A 1 10 ? -9.073  6.766   -16.525 1.00 15.01 ? 10  LYS A O   1 
ATOM   72  C CB  . LYS A 1 10 ? -9.776  9.028   -14.315 1.00 15.60 ? 10  LYS A CB  1 
ATOM   73  C CG  . LYS A 1 10 ? -10.550 9.377   -13.079 1.00 18.07 ? 10  LYS A CG  1 
ATOM   74  C CD  . LYS A 1 10 ? -11.012 10.808  -13.147 1.00 21.46 ? 10  LYS A CD  1 
ATOM   75  C CE  . LYS A 1 10 ? -12.384 11.003  -12.517 1.00 23.68 ? 10  LYS A CE  1 
ATOM   76  N NZ  . LYS A 1 10 ? -12.460 10.326  -11.208 1.00 25.60 ? 10  LYS A NZ  1 
ATOM   77  N N   . ASP A 1 11 ? -7.224  7.806   -15.763 1.00 16.40 ? 11  ASP A N   1 
ATOM   78  C CA  . ASP A 1 11 ? -6.444  7.563   -16.967 1.00 16.85 ? 11  ASP A CA  1 
ATOM   79  C C   . ASP A 1 11 ? -5.783  6.200   -16.956 1.00 17.14 ? 11  ASP A C   1 
ATOM   80  O O   . ASP A 1 11 ? -5.575  5.612   -18.016 1.00 17.26 ? 11  ASP A O   1 
ATOM   81  C CB  . ASP A 1 11 ? -5.419  8.679   -17.183 1.00 16.52 ? 11  ASP A CB  1 
ATOM   82  C CG  . ASP A 1 11 ? -6.072  10.026  -17.382 1.00 16.24 ? 11  ASP A CG  1 
ATOM   83  O OD1 . ASP A 1 11 ? -7.135  10.090  -18.036 1.00 15.41 ? 11  ASP A OD1 1 
ATOM   84  O OD2 . ASP A 1 11 ? -5.533  11.029  -16.878 1.00 16.05 ? 11  ASP A OD2 1 
ATOM   85  N N   . HIS A 1 12 ? -5.490  5.696   -15.754 1.00 18.26 ? 12  HIS A N   1 
ATOM   86  C CA  . HIS A 1 12 ? -4.853  4.386   -15.566 1.00 18.75 ? 12  HIS A CA  1 
ATOM   87  C C   . HIS A 1 12 ? -5.649  3.473   -14.619 1.00 19.70 ? 12  HIS A C   1 
ATOM   88  O O   . HIS A 1 12 ? -5.163  3.102   -13.547 1.00 19.80 ? 12  HIS A O   1 
ATOM   89  C CB  . HIS A 1 12 ? -3.412  4.568   -15.086 1.00 18.85 ? 12  HIS A CB  1 
ATOM   90  C CG  . HIS A 1 12 ? -2.637  5.553   -15.907 1.00 18.08 ? 12  HIS A CG  1 
ATOM   91  N ND1 . HIS A 1 12 ? -1.946  5.194   -17.041 1.00 19.07 ? 12  HIS A ND1 1 
ATOM   92  C CD2 . HIS A 1 12 ? -2.482  6.892   -15.781 1.00 17.71 ? 12  HIS A CD2 1 
ATOM   93  C CE1 . HIS A 1 12 ? -1.395  6.268   -17.581 1.00 18.82 ? 12  HIS A CE1 1 
ATOM   94  N NE2 . HIS A 1 12 ? -1.694  7.311   -16.829 1.00 17.34 ? 12  HIS A NE2 1 
ATOM   95  N N   . PRO A 1 13 ? -6.876  3.082   -15.037 1.00 19.99 ? 13  PRO A N   1 
ATOM   96  C CA  . PRO A 1 13 ? -7.803  2.356   -14.169 1.00 19.81 ? 13  PRO A CA  1 
ATOM   97  C C   . PRO A 1 13 ? -7.283  0.972   -13.827 1.00 19.72 ? 13  PRO A C   1 
ATOM   98  O O   . PRO A 1 13 ? -6.433  0.437   -14.543 1.00 19.60 ? 13  PRO A O   1 
ATOM   99  C CB  . PRO A 1 13 ? -9.076  2.268   -15.020 1.00 20.20 ? 13  PRO A CB  1 
ATOM   100 C CG  . PRO A 1 13 ? -8.601  2.339   -16.433 1.00 19.28 ? 13  PRO A CG  1 
ATOM   101 C CD  . PRO A 1 13 ? -7.448  3.295   -16.385 1.00 20.27 ? 13  PRO A CD  1 
ATOM   102 N N   . CYS A 1 14 ? -7.765  0.407   -12.723 1.00 19.36 ? 14  CYS A N   1 
ATOM   103 C CA  . CYS A 1 14 ? -7.378  -0.951  -12.375 1.00 19.93 ? 14  CYS A CA  1 
ATOM   104 C C   . CYS A 1 14 ? -8.015  -1.945  -13.330 1.00 20.65 ? 14  CYS A C   1 
ATOM   105 O O   . CYS A 1 14 ? -9.233  -2.006  -13.440 1.00 20.53 ? 14  CYS A O   1 
ATOM   106 C CB  . CYS A 1 14 ? -7.732  -1.293  -10.936 1.00 19.75 ? 14  CYS A CB  1 
ATOM   107 S SG  . CYS A 1 14 ? -7.023  -2.858  -10.474 1.00 17.52 ? 14  CYS A SG  1 
ATOM   108 N N   . THR A 1 15 ? -7.171  -2.727  -13.999 1.00 21.94 ? 15  THR A N   1 
ATOM   109 C CA  . THR A 1 15 ? -7.593  -3.653  -15.053 1.00 23.54 ? 15  THR A CA  1 
ATOM   110 C C   . THR A 1 15 ? -8.241  -4.942  -14.537 1.00 23.64 ? 15  THR A C   1 
ATOM   111 O O   . THR A 1 15 ? -9.248  -5.415  -15.103 1.00 23.97 ? 15  THR A O   1 
ATOM   112 C CB  . THR A 1 15 ? -6.406  -3.976  -15.999 1.00 24.05 ? 15  THR A CB  1 
ATOM   113 O OG1 . THR A 1 15 ? -6.037  -2.781  -16.700 1.00 26.14 ? 15  THR A OG1 1 
ATOM   114 C CG2 . THR A 1 15 ? -6.765  -5.057  -17.012 1.00 24.98 ? 15  THR A CG2 1 
ATOM   115 N N   . SER A 1 16 ? -7.692  -5.511  -13.469 1.00 23.29 ? 16  SER A N   1 
ATOM   116 C CA  . SER A 1 16 ? -8.266  -6.737  -12.934 1.00 23.59 ? 16  SER A CA  1 
ATOM   117 C C   . SER A 1 16 ? -8.443  -6.671  -11.423 1.00 22.67 ? 16  SER A C   1 
ATOM   118 O O   . SER A 1 16 ? -7.798  -7.439  -10.699 1.00 22.71 ? 16  SER A O   1 
ATOM   119 C CB  . SER A 1 16 ? -7.391  -7.931  -13.311 1.00 24.25 ? 16  SER A CB  1 
ATOM   120 O OG  . SER A 1 16 ? -7.098  -7.935  -14.705 1.00 27.39 ? 16  SER A OG  1 
ATOM   121 N N   . PRO A 1 17 ? -9.347  -5.784  -10.947 1.00 21.44 ? 17  PRO A N   1 
ATOM   122 C CA  . PRO A 1 17 ? -9.408  -5.465  -9.521  1.00 20.60 ? 17  PRO A CA  1 
ATOM   123 C C   . PRO A 1 17 ? -10.009 -6.618  -8.741  1.00 19.91 ? 17  PRO A C   1 
ATOM   124 O O   . PRO A 1 17 ? -10.908 -7.300  -9.245  1.00 20.19 ? 17  PRO A O   1 
ATOM   125 C CB  . PRO A 1 17 ? -10.334 -4.245  -9.470  1.00 20.66 ? 17  PRO A CB  1 
ATOM   126 C CG  . PRO A 1 17 ? -11.255 -4.427  -10.653 1.00 21.14 ? 17  PRO A CG  1 
ATOM   127 C CD  . PRO A 1 17 ? -10.395 -5.081  -11.715 1.00 21.53 ? 17  PRO A CD  1 
ATOM   128 N N   . ILE A 1 18 ? -9.498  -6.857  -7.541  1.00 18.33 ? 18  ILE A N   1 
ATOM   129 C CA  . ILE A 1 18 ? -10.113 -7.828  -6.657  1.00 17.58 ? 18  ILE A CA  1 
ATOM   130 C C   . ILE A 1 18 ? -11.342 -7.176  -6.021  1.00 16.70 ? 18  ILE A C   1 
ATOM   131 O O   . ILE A 1 18 ? -11.410 -5.954  -5.895  1.00 16.33 ? 18  ILE A O   1 
ATOM   132 C CB  . ILE A 1 18 ? -9.147  -8.293  -5.535  1.00 17.24 ? 18  ILE A CB  1 
ATOM   133 C CG1 . ILE A 1 18 ? -8.882  -7.148  -4.557  1.00 17.54 ? 18  ILE A CG1 1 
ATOM   134 C CG2 . ILE A 1 18 ? -7.867  -8.871  -6.126  1.00 18.34 ? 18  ILE A CG2 1 
ATOM   135 C CD1 . ILE A 1 18 ? -8.176  -7.532  -3.335  1.00 19.78 ? 18  ILE A CD1 1 
ATOM   136 N N   . ALA A 1 19 ? -12.297 -8.007  -5.613  1.00 15.94 ? 19  ALA A N   1 
ATOM   137 C CA  . ALA A 1 19 ? -13.481 -7.558  -4.897  1.00 15.35 ? 19  ALA A CA  1 
ATOM   138 C C   . ALA A 1 19 ? -13.198 -7.472  -3.401  1.00 15.21 ? 19  ALA A C   1 
ATOM   139 O O   . ALA A 1 19 ? -12.334 -8.165  -2.880  1.00 14.64 ? 19  ALA A O   1 
ATOM   140 C CB  . ALA A 1 19 ? -14.669 -8.491  -5.177  1.00 14.69 ? 19  ALA A CB  1 
ATOM   141 N N   . ARG A 1 20 ? -13.930 -6.598  -2.729  1.00 15.19 ? 20  ARG A N   1 
ATOM   142 C CA  . ARG A 1 20 ? -13.867 -6.466  -1.279  1.00 15.89 ? 20  ARG A CA  1 
ATOM   143 C C   . ARG A 1 20 ? -14.220 -7.791  -0.603  1.00 16.50 ? 20  ARG A C   1 
ATOM   144 O O   . ARG A 1 20 ? -13.582 -8.207  0.364   1.00 15.85 ? 20  ARG A O   1 
ATOM   145 C CB  . ARG A 1 20 ? -14.822 -5.360  -0.816  1.00 15.30 ? 20  ARG A CB  1 
ATOM   146 C CG  . ARG A 1 20 ? -14.837 -5.167  0.674   1.00 14.86 ? 20  ARG A CG  1 
ATOM   147 C CD  . ARG A 1 20 ? -15.592 -3.940  1.079   1.00 14.15 ? 20  ARG A CD  1 
ATOM   148 N NE  . ARG A 1 20 ? -17.012 -4.051  0.783   1.00 13.28 ? 20  ARG A NE  1 
ATOM   149 C CZ  . ARG A 1 20 ? -17.960 -3.352  1.404   1.00 11.29 ? 20  ARG A CZ  1 
ATOM   150 N NH1 . ARG A 1 20 ? -17.649 -2.490  2.346   1.00 9.97  ? 20  ARG A NH1 1 
ATOM   151 N NH2 . ARG A 1 20 ? -19.227 -3.515  1.058   1.00 11.28 ? 20  ARG A NH2 1 
ATOM   152 N N   . ALA A 1 21 ? -15.236 -8.437  -1.170  1.00 18.06 ? 21  ALA A N   1 
ATOM   153 C CA  . ALA A 1 21 ? -15.763 -9.746  -0.785  1.00 18.58 ? 21  ALA A CA  1 
ATOM   154 C C   . ALA A 1 21 ? -14.759 -10.903 -0.825  1.00 18.72 ? 21  ALA A C   1 
ATOM   155 O O   . ALA A 1 21 ? -15.059 -11.986 -0.333  1.00 19.17 ? 21  ALA A O   1 
ATOM   156 C CB  . ALA A 1 21 ? -16.975 -10.082 -1.718  1.00 19.49 ? 21  ALA A CB  1 
ATOM   157 N N   . SER A 1 22 ? -13.589 -10.687 -1.426  1.00 18.65 ? 22  SER A N   1 
ATOM   158 C CA  . SER A 1 22 ? -12.580 -11.742 -1.616  1.00 18.35 ? 22  SER A CA  1 
ATOM   159 C C   . SER A 1 22 ? -11.456 -11.786 -0.574  1.00 18.22 ? 22  SER A C   1 
ATOM   160 O O   . SER A 1 22 ? -10.749 -12.786 -0.490  1.00 18.46 ? 22  SER A O   1 
ATOM   161 C CB  . SER A 1 22 ? -11.966 -11.671 -3.016  1.00 18.50 ? 22  SER A CB  1 
ATOM   162 O OG  . SER A 1 22 ? -11.062 -10.573 -3.171  1.00 19.97 ? 22  SER A OG  1 
ATOM   163 N N   . CYS A 1 23 ? -11.283 -10.709 0.196   1.00 17.87 ? 23  CYS A N   1 
ATOM   164 C CA  . CYS A 1 23 ? -10.273 -10.653 1.259   1.00 17.46 ? 23  CYS A CA  1 
ATOM   165 C C   . CYS A 1 23 ? -10.679 -11.497 2.450   1.00 16.81 ? 23  CYS A C   1 
ATOM   166 O O   . CYS A 1 23 ? -11.830 -11.441 2.888   1.00 16.77 ? 23  CYS A O   1 
ATOM   167 C CB  . CYS A 1 23 ? -10.055 -9.218  1.729   1.00 17.69 ? 23  CYS A CB  1 
ATOM   168 S SG  . CYS A 1 23 ? -9.468  -8.124  0.414   1.00 19.31 ? 23  CYS A SG  1 
ATOM   169 N N   . ARG A 1 24 ? -9.724  -12.262 2.974   1.00 16.01 ? 24  ARG A N   1 
ATOM   170 C CA  . ARG A 1 24 ? -9.986  -13.187 4.082   1.00 14.74 ? 24  ARG A CA  1 
ATOM   171 C C   . ARG A 1 24 ? -9.145  -12.785 5.270   1.00 14.36 ? 24  ARG A C   1 
ATOM   172 O O   . ARG A 1 24 ? -7.925  -12.789 5.202   1.00 13.35 ? 24  ARG A O   1 
ATOM   173 C CB  . ARG A 1 24 ? -9.670  -14.625 3.685   1.00 14.57 ? 24  ARG A CB  1 
ATOM   174 C CG  . ARG A 1 24 ? -10.518 -15.195 2.571   1.00 14.35 ? 24  ARG A CG  1 
ATOM   175 C CD  . ARG A 1 24 ? -11.952 -15.336 3.020   1.00 16.04 ? 24  ARG A CD  1 
ATOM   176 N NE  . ARG A 1 24 ? -12.825 -15.759 1.926   1.00 17.16 ? 24  ARG A NE  1 
ATOM   177 C CZ  . ARG A 1 24 ? -13.595 -14.946 1.213   1.00 16.85 ? 24  ARG A CZ  1 
ATOM   178 N NH1 . ARG A 1 24 ? -13.614 -13.649 1.468   1.00 17.77 ? 24  ARG A NH1 1 
ATOM   179 N NH2 . ARG A 1 24 ? -14.361 -15.437 0.253   1.00 17.55 ? 24  ARG A NH2 1 
ATOM   180 N N   . SER A 1 25 ? -9.821  -12.406 6.346   1.00 14.79 ? 25  SER A N   1 
ATOM   181 C CA  . SER A 1 25 ? -9.159  -11.978 7.580   1.00 15.77 ? 25  SER A CA  1 
ATOM   182 C C   . SER A 1 25 ? -8.167  -13.057 8.033   1.00 15.81 ? 25  SER A C   1 
ATOM   183 O O   . SER A 1 25 ? -8.451  -14.256 7.877   1.00 16.09 ? 25  SER A O   1 
ATOM   184 C CB  . SER A 1 25 ? -10.176 -11.631 8.671   1.00 15.06 ? 25  SER A CB  1 
ATOM   185 O OG  . SER A 1 25 ? -10.933 -12.750 9.039   1.00 16.91 ? 25  SER A OG  1 
ATOM   186 N N   . PRO A 1 26 ? -7.010  -12.647 8.601   1.00 15.79 ? 26  PRO A N   1 
ATOM   187 C CA  . PRO A 1 26 ? -6.657  -11.311 9.100   1.00 15.54 ? 26  PRO A CA  1 
ATOM   188 C C   . PRO A 1 26 ? -6.330  -10.237 8.048   1.00 15.64 ? 26  PRO A C   1 
ATOM   189 O O   . PRO A 1 26 ? -6.216  -9.069  8.408   1.00 15.80 ? 26  PRO A O   1 
ATOM   190 C CB  . PRO A 1 26 ? -5.441  -11.591 9.985   1.00 15.17 ? 26  PRO A CB  1 
ATOM   191 C CG  . PRO A 1 26 ? -4.765  -12.745 9.303   1.00 15.81 ? 26  PRO A CG  1 
ATOM   192 C CD  . PRO A 1 26 ? -5.897  -13.600 8.776   1.00 15.82 ? 26  PRO A CD  1 
ATOM   193 N N   . ALA A 1 27 ? -6.172  -10.627 6.783   1.00 15.73 ? 27  ALA A N   1 
ATOM   194 C CA  . ALA A 1 27 ? -6.022  -9.673  5.670   1.00 15.41 ? 27  ALA A CA  1 
ATOM   195 C C   . ALA A 1 27 ? -7.279  -8.828  5.495   1.00 15.58 ? 27  ALA A C   1 
ATOM   196 O O   . ALA A 1 27 ? -8.398  -9.315  5.706   1.00 15.52 ? 27  ALA A O   1 
ATOM   197 C CB  . ALA A 1 27 ? -5.679  -10.394 4.371   1.00 15.35 ? 27  ALA A CB  1 
ATOM   198 N N   . THR A 1 28 ? -7.090  -7.551  5.143   1.00 15.44 ? 28  THR A N   1 
ATOM   199 C CA  . THR A 1 28 ? -8.201  -6.584  5.068   1.00 15.73 ? 28  THR A CA  1 
ATOM   200 C C   . THR A 1 28 ? -8.191  -5.810  3.745   1.00 15.19 ? 28  THR A C   1 
ATOM   201 O O   . THR A 1 28 ? -7.134  -5.561  3.155   1.00 14.23 ? 28  THR A O   1 
ATOM   202 C CB  . THR A 1 28 ? -8.240  -5.593  6.263   1.00 15.49 ? 28  THR A CB  1 
ATOM   203 O OG1 . THR A 1 28 ? -7.072  -4.768  6.247   1.00 17.99 ? 28  THR A OG1 1 
ATOM   204 C CG2 . THR A 1 28 ? -8.324  -6.326  7.597   1.00 15.47 ? 28  THR A CG2 1 
ATOM   205 N N   . TYR A 1 29 ? -9.385  -5.445  3.289   1.00 14.86 ? 29  TYR A N   1 
ATOM   206 C CA  . TYR A 1 29 ? -9.555  -4.761  2.018   1.00 14.26 ? 29  TYR A CA  1 
ATOM   207 C C   . TYR A 1 29 ? -9.143  -3.311  2.110   1.00 14.28 ? 29  TYR A C   1 
ATOM   208 O O   . TYR A 1 29 ? -9.484  -2.622  3.072   1.00 13.69 ? 29  TYR A O   1 
ATOM   209 C CB  . TYR A 1 29 ? -11.014 -4.806  1.609   1.00 14.69 ? 29  TYR A CB  1 
ATOM   210 C CG  . TYR A 1 29 ? -11.323 -4.091  0.320   1.00 13.86 ? 29  TYR A CG  1 
ATOM   211 C CD1 . TYR A 1 29 ? -10.942 -4.629  -0.904  1.00 13.31 ? 29  TYR A CD1 1 
ATOM   212 C CD2 . TYR A 1 29 ? -11.998 -2.874  0.329   1.00 14.85 ? 29  TYR A CD2 1 
ATOM   213 C CE1 . TYR A 1 29 ? -11.260 -3.988  -2.092  1.00 13.70 ? 29  TYR A CE1 1 
ATOM   214 C CE2 . TYR A 1 29 ? -12.308 -2.216  -0.861  1.00 14.38 ? 29  TYR A CE2 1 
ATOM   215 C CZ  . TYR A 1 29 ? -11.936 -2.778  -2.061  1.00 13.83 ? 29  TYR A CZ  1 
ATOM   216 O OH  . TYR A 1 29 ? -12.244 -2.130  -3.237  1.00 13.62 ? 29  TYR A OH  1 
ATOM   217 N N   . ARG A 1 30 ? -8.413  -2.860  1.093   1.00 14.37 ? 30  ARG A N   1 
ATOM   218 C CA  . ARG A 1 30 ? -8.140  -1.447  0.893   1.00 14.48 ? 30  ARG A CA  1 
ATOM   219 C C   . ARG A 1 30 ? -8.489  -1.131  -0.545  1.00 14.21 ? 30  ARG A C   1 
ATOM   220 O O   . ARG A 1 30 ? -8.012  -1.796  -1.446  1.00 13.64 ? 30  ARG A O   1 
ATOM   221 C CB  . ARG A 1 30 ? -6.664  -1.120  1.130   1.00 14.38 ? 30  ARG A CB  1 
ATOM   222 C CG  . ARG A 1 30 ? -6.166  -1.436  2.528   1.00 15.86 ? 30  ARG A CG  1 
ATOM   223 C CD  . ARG A 1 30 ? -5.240  -0.367  3.008   1.00 16.20 ? 30  ARG A CD  1 
ATOM   224 N NE  . ARG A 1 30 ? -4.962  -0.453  4.441   1.00 16.22 ? 30  ARG A NE  1 
ATOM   225 C CZ  . ARG A 1 30 ? -3.905  0.116   5.022   1.00 14.80 ? 30  ARG A CZ  1 
ATOM   226 N NH1 . ARG A 1 30 ? -3.033  0.803   4.290   1.00 12.45 ? 30  ARG A NH1 1 
ATOM   227 N NH2 . ARG A 1 30 ? -3.715  -0.006  6.330   1.00 13.20 ? 30  ARG A NH2 1 
ATOM   228 N N   . ALA A 1 31 ? -9.288  -0.090  -0.747  1.00 14.30 ? 31  ALA A N   1 
ATOM   229 C CA  . ALA A 1 31 ? -9.751  0.282   -2.075  1.00 14.50 ? 31  ALA A CA  1 
ATOM   230 C C   . ALA A 1 31 ? -8.620  0.713   -3.013  1.00 14.06 ? 31  ALA A C   1 
ATOM   231 O O   . ALA A 1 31 ? -8.695  0.503   -4.228  1.00 14.73 ? 31  ALA A O   1 
ATOM   232 C CB  . ALA A 1 31 ? -10.802 1.388   -1.960  1.00 14.61 ? 31  ALA A CB  1 
ATOM   233 N N   . ASN A 1 32 ? -7.582  1.326   -2.459  1.00 13.40 ? 32  ASN A N   1 
ATOM   234 C CA  . ASN A 1 32 ? -6.481  1.877   -3.266  1.00 13.19 ? 32  ASN A CA  1 
ATOM   235 C C   . ASN A 1 32 ? -5.137  1.547   -2.641  1.00 12.19 ? 32  ASN A C   1 
ATOM   236 O O   . ASN A 1 32 ? -4.715  2.220   -1.707  1.00 11.53 ? 32  ASN A O   1 
ATOM   237 C CB  . ASN A 1 32 ? -6.627  3.399   -3.390  1.00 14.02 ? 32  ASN A CB  1 
ATOM   238 C CG  . ASN A 1 32 ? -7.878  3.806   -4.160  1.00 15.21 ? 32  ASN A CG  1 
ATOM   239 O OD1 . ASN A 1 32 ? -7.857  3.887   -5.381  1.00 20.01 ? 32  ASN A OD1 1 
ATOM   240 N ND2 . ASN A 1 32 ? -8.957  4.057   -3.451  1.00 14.86 ? 32  ASN A ND2 1 
ATOM   241 N N   . HIS A 1 33 ? -4.485  0.495   -3.144  1.00 12.08 ? 33  HIS A N   1 
ATOM   242 C CA  . HIS A 1 33 ? -3.233  -0.003  -2.545  1.00 11.30 ? 33  HIS A CA  1 
ATOM   243 C C   . HIS A 1 33 ? -2.188  -0.396  -3.574  1.00 11.90 ? 33  HIS A C   1 
ATOM   244 O O   . HIS A 1 33 ? -1.034  -0.015  -3.442  1.00 11.20 ? 33  HIS A O   1 
ATOM   245 C CB  . HIS A 1 33 ? -3.474  -1.186  -1.578  1.00 10.88 ? 33  HIS A CB  1 
ATOM   246 C CG  . HIS A 1 33 ? -2.276  -1.516  -0.727  1.00 9.80  ? 33  HIS A CG  1 
ATOM   247 N ND1 . HIS A 1 33 ? -1.924  -0.776  0.383   1.00 10.36 ? 33  HIS A ND1 1 
ATOM   248 C CD2 . HIS A 1 33 ? -1.337  -2.486  -0.840  1.00 8.31  ? 33  HIS A CD2 1 
ATOM   249 C CE1 . HIS A 1 33 ? -0.815  -1.267  0.911   1.00 8.05  ? 33  HIS A CE1 1 
ATOM   250 N NE2 . HIS A 1 33 ? -0.436  -2.301  0.184   1.00 7.94  ? 33  HIS A NE2 1 
ATOM   251 N N   . SER A 1 34 ? -2.591  -1.170  -4.583  1.00 12.12 ? 34  SER A N   1 
ATOM   252 C CA  . SER A 1 34 ? -1.644  -1.807  -5.496  1.00 12.94 ? 34  SER A CA  1 
ATOM   253 C C   . SER A 1 34 ? -1.459  -1.061  -6.801  1.00 13.12 ? 34  SER A C   1 
ATOM   254 O O   . SER A 1 34 ? -2.369  -0.351  -7.262  1.00 12.91 ? 34  SER A O   1 
ATOM   255 C CB  . SER A 1 34 ? -2.062  -3.242  -5.817  1.00 12.13 ? 34  SER A CB  1 
ATOM   256 O OG  . SER A 1 34 ? -2.367  -3.919  -4.620  1.00 16.07 ? 34  SER A OG  1 
ATOM   257 N N   . GLY A 1 35 ? -0.281  -1.260  -7.396  1.00 13.24 ? 35  GLY A N   1 
ATOM   258 C CA  . GLY A 1 35 ? 0.029   -0.707  -8.719  1.00 14.34 ? 35  GLY A CA  1 
ATOM   259 C C   . GLY A 1 35 ? 0.527   0.716   -8.678  1.00 14.44 ? 35  GLY A C   1 
ATOM   260 O O   . GLY A 1 35 ? 0.487   1.378   -7.638  1.00 13.53 ? 35  GLY A O   1 
ATOM   261 N N   . LYS A 1 36 ? 1.026   1.192   -9.819  1.00 15.61 ? 36  LYS A N   1 
ATOM   262 C CA  . LYS A 1 36 ? 1.406   2.604   -9.929  1.00 16.09 ? 36  LYS A CA  1 
ATOM   263 C C   . LYS A 1 36 ? 0.261   3.499   -9.442  1.00 15.49 ? 36  LYS A C   1 
ATOM   264 O O   . LYS A 1 36 ? -0.899  3.313   -9.844  1.00 15.16 ? 36  LYS A O   1 
ATOM   265 C CB  . LYS A 1 36 ? 1.817   2.940   -11.363 1.00 16.15 ? 36  LYS A CB  1 
ATOM   266 C CG  . LYS A 1 36 ? 3.126   2.262   -11.767 1.00 17.54 ? 36  LYS A CG  1 
ATOM   267 C CD  . LYS A 1 36 ? 3.543   2.588   -13.200 1.00 18.73 ? 36  LYS A CD  1 
ATOM   268 C CE  . LYS A 1 36 ? 2.966   1.588   -14.207 1.00 22.62 ? 36  LYS A CE  1 
ATOM   269 N NZ  . LYS A 1 36 ? 3.361   0.183   -13.885 1.00 24.68 ? 36  LYS A NZ  1 
ATOM   270 N N   . CYS A 1 37 ? 0.600   4.428   -8.542  1.00 14.91 ? 37  CYS A N   1 
ATOM   271 C CA  . CYS A 1 37 ? -0.353  5.346   -7.893  1.00 15.25 ? 37  CYS A CA  1 
ATOM   272 C C   . CYS A 1 37 ? -1.481  4.676   -7.083  1.00 15.26 ? 37  CYS A C   1 
ATOM   273 O O   . CYS A 1 37 ? -2.465  5.339   -6.699  1.00 14.93 ? 37  CYS A O   1 
ATOM   274 C CB  . CYS A 1 37 ? -0.887  6.398   -8.885  1.00 15.27 ? 37  CYS A CB  1 
ATOM   275 S SG  . CYS A 1 37 ? 0.451   7.460   -9.533  1.00 16.70 ? 37  CYS A SG  1 
ATOM   276 N N   . ALA A 1 38 ? -1.323  3.375   -6.813  1.00 14.89 ? 38  ALA A N   1 
ATOM   277 C CA  . ALA A 1 38 ? -2.236  2.652   -5.921  1.00 14.44 ? 38  ALA A CA  1 
ATOM   278 C C   . ALA A 1 38 ? -3.677  2.621   -6.466  1.00 14.23 ? 38  ALA A C   1 
ATOM   279 O O   . ALA A 1 38 ? -4.632  2.712   -5.716  1.00 13.21 ? 38  ALA A O   1 
ATOM   280 C CB  . ALA A 1 38 ? -2.191  3.275   -4.528  1.00 14.28 ? 38  ALA A CB  1 
ATOM   281 N N   . CYS A 1 39 ? -3.808  2.463   -7.784  1.00 14.31 ? 39  CYS A N   1 
ATOM   282 C CA  . CYS A 1 39 ? -5.107  2.399   -8.473  1.00 14.65 ? 39  CYS A CA  1 
ATOM   283 C C   . CYS A 1 39 ? -5.888  1.113   -8.221  1.00 15.03 ? 39  CYS A C   1 
ATOM   284 O O   . CYS A 1 39 ? -7.115  1.082   -8.403  1.00 15.17 ? 39  CYS A O   1 
ATOM   285 C CB  . CYS A 1 39 ? -4.917  2.615   -9.979  1.00 14.72 ? 39  CYS A CB  1 
ATOM   286 S SG  . CYS A 1 39 ? -4.202  4.241   -10.349 1.00 14.59 ? 39  CYS A SG  1 
ATOM   287 N N   . CYS A 1 40 ? -5.186  0.069   -7.782  1.00 15.11 ? 40  CYS A N   1 
ATOM   288 C CA  . CYS A 1 40 ? -5.817  -1.233  -7.533  1.00 15.34 ? 40  CYS A CA  1 
ATOM   289 C C   . CYS A 1 40 ? -6.067  -1.548  -6.052  1.00 14.64 ? 40  CYS A C   1 
ATOM   290 O O   . CYS A 1 40 ? -5.210  -1.302  -5.196  1.00 14.10 ? 40  CYS A O   1 
ATOM   291 C CB  . CYS A 1 40 ? -5.021  -2.366  -8.179  1.00 15.30 ? 40  CYS A CB  1 
ATOM   292 S SG  . CYS A 1 40 ? -5.072  -2.392  -10.004 1.00 18.28 ? 40  CYS A SG  1 
ATOM   293 N N   . PRO A 1 41 ? -7.243  -2.120  -5.755  1.00 14.65 ? 41  PRO A N   1 
ATOM   294 C CA  . PRO A 1 41 ? -7.554  -2.613  -4.408  1.00 15.02 ? 41  PRO A CA  1 
ATOM   295 C C   . PRO A 1 41 ? -6.625  -3.761  -4.013  1.00 15.05 ? 41  PRO A C   1 
ATOM   296 O O   . PRO A 1 41 ? -6.066  -4.414  -4.873  1.00 14.69 ? 41  PRO A O   1 
ATOM   297 C CB  . PRO A 1 41 ? -9.000  -3.119  -4.554  1.00 15.42 ? 41  PRO A CB  1 
ATOM   298 C CG  . PRO A 1 41 ? -9.146  -3.386  -6.053  1.00 14.77 ? 41  PRO A CG  1 
ATOM   299 C CD  . PRO A 1 41 ? -8.359  -2.333  -6.694  1.00 14.20 ? 41  PRO A CD  1 
ATOM   300 N N   . ALA A 1 42 ? -6.458  -3.995  -2.715  1.00 15.72 ? 42  ALA A N   1 
ATOM   301 C CA  . ALA A 1 42 ? -5.620  -5.098  -2.235  1.00 15.57 ? 42  ALA A CA  1 
ATOM   302 C C   . ALA A 1 42 ? -6.146  -5.670  -0.931  1.00 15.64 ? 42  ALA A C   1 
ATOM   303 O O   . ALA A 1 42 ? -6.806  -4.975  -0.161  1.00 16.13 ? 42  ALA A O   1 
ATOM   304 C CB  . ALA A 1 42 ? -4.207  -4.623  -2.042  1.00 15.95 ? 42  ALA A CB  1 
ATOM   305 N N   . CYS A 1 43 ? -5.850  -6.941  -0.688  1.00 15.55 ? 43  CYS A N   1 
ATOM   306 C CA  . CYS A 1 43 ? -6.036  -7.528  0.631   1.00 15.46 ? 43  CYS A CA  1 
ATOM   307 C C   . CYS A 1 43 ? -4.682  -7.399  1.323   1.00 14.96 ? 43  CYS A C   1 
ATOM   308 O O   . CYS A 1 43 ? -3.704  -8.030  0.920   1.00 14.85 ? 43  CYS A O   1 
ATOM   309 C CB  . CYS A 1 43 ? -6.498  -8.981  0.519   1.00 15.99 ? 43  CYS A CB  1 
ATOM   310 S SG  . CYS A 1 43 ? -7.994  -9.163  -0.568  1.00 17.95 ? 43  CYS A SG  1 
ATOM   311 N N   . VAL A 1 44 ? -4.612  -6.525  2.325   1.00 14.20 ? 44  VAL A N   1 
ATOM   312 C CA  . VAL A 1 44 ? -3.322  -6.201  2.941   1.00 13.29 ? 44  VAL A CA  1 
ATOM   313 C C   . VAL A 1 44 ? -3.085  -6.846  4.316   1.00 13.22 ? 44  VAL A C   1 
ATOM   314 O O   . VAL A 1 44 ? -4.016  -7.123  5.074   1.00 11.73 ? 44  VAL A O   1 
ATOM   315 C CB  . VAL A 1 44 ? -3.069  -4.667  2.976   1.00 13.40 ? 44  VAL A CB  1 
ATOM   316 C CG1 . VAL A 1 44 ? -3.336  -4.066  1.596   1.00 12.29 ? 44  VAL A CG1 1 
ATOM   317 C CG2 . VAL A 1 44 ? -3.927  -3.989  3.998   1.00 12.75 ? 44  VAL A CG2 1 
ATOM   318 N N   . THR A 1 45 ? -1.811  -7.095  4.597   1.00 12.96 ? 45  THR A N   1 
ATOM   319 C CA  . THR A 1 45 ? -1.347  -7.553  5.892   1.00 13.66 ? 45  THR A CA  1 
ATOM   320 C C   . THR A 1 45 ? -0.648  -6.394  6.613   1.00 12.93 ? 45  THR A C   1 
ATOM   321 O O   . THR A 1 45 ? 0.097   -5.640  6.007   1.00 11.92 ? 45  THR A O   1 
ATOM   322 C CB  . THR A 1 45 ? -0.405  -8.761  5.693   1.00 13.70 ? 45  THR A CB  1 
ATOM   323 O OG1 . THR A 1 45 ? -1.185  -9.859  5.200   1.00 17.96 ? 45  THR A OG1 1 
ATOM   324 C CG2 . THR A 1 45 ? 0.322   -9.177  6.998   1.00 16.10 ? 45  THR A CG2 1 
ATOM   325 N N   . LEU A 1 46 ? -0.898  -6.237  7.913   1.00 13.19 ? 46  LEU A N   1 
ATOM   326 C CA  . LEU A 1 46 ? -0.206  -5.175  8.657   1.00 12.94 ? 46  LEU A CA  1 
ATOM   327 C C   . LEU A 1 46 ? 0.914   -5.693  9.543   1.00 12.89 ? 46  LEU A C   1 
ATOM   328 O O   . LEU A 1 46 ? 0.809   -6.771  10.156  1.00 13.02 ? 46  LEU A O   1 
ATOM   329 C CB  . LEU A 1 46 ? -1.180  -4.290  9.452   1.00 13.02 ? 46  LEU A CB  1 
ATOM   330 C CG  . LEU A 1 46 ? -2.316  -3.604  8.672   1.00 13.65 ? 46  LEU A CG  1 
ATOM   331 C CD1 . LEU A 1 46 ? -3.208  -2.799  9.600   1.00 13.47 ? 46  LEU A CD1 1 
ATOM   332 C CD2 . LEU A 1 46 ? -1.787  -2.737  7.525   1.00 11.08 ? 46  LEU A CD2 1 
ATOM   333 N N   . LEU A 1 47 ? 1.989   -4.905  9.594   1.00 12.83 ? 47  LEU A N   1 
ATOM   334 C CA  . LEU A 1 47 ? 3.200   -5.264  10.323  1.00 12.07 ? 47  LEU A CA  1 
ATOM   335 C C   . LEU A 1 47 ? 3.426   -4.371  11.530  1.00 12.70 ? 47  LEU A C   1 
ATOM   336 O O   . LEU A 1 47 ? 3.054   -3.196  11.540  1.00 11.83 ? 47  LEU A O   1 
ATOM   337 C CB  . LEU A 1 47 ? 4.411   -5.216  9.393   1.00 11.72 ? 47  LEU A CB  1 
ATOM   338 C CG  . LEU A 1 47 ? 4.281   -5.883  8.015   1.00 10.86 ? 47  LEU A CG  1 
ATOM   339 C CD1 . LEU A 1 47 ? 5.339   -5.348  7.112   1.00 10.35 ? 47  LEU A CD1 1 
ATOM   340 C CD2 . LEU A 1 47 ? 4.360   -7.388  8.075   1.00 10.25 ? 47  LEU A CD2 1 
ATOM   341 N N   . ARG A 1 48 ? 4.038   -4.958  12.550  1.00 13.00 ? 48  ARG A N   1 
ATOM   342 C CA  . ARG A 1 48 ? 4.315   -4.286  13.802  1.00 14.29 ? 48  ARG A CA  1 
ATOM   343 C C   . ARG A 1 48 ? 5.633   -3.511  13.760  1.00 14.44 ? 48  ARG A C   1 
ATOM   344 O O   . ARG A 1 48 ? 6.480   -3.739  12.899  1.00 14.46 ? 48  ARG A O   1 
ATOM   345 C CB  . ARG A 1 48 ? 4.388   -5.319  14.932  1.00 14.68 ? 48  ARG A CB  1 
ATOM   346 C CG  . ARG A 1 48 ? 3.174   -6.217  15.101  1.00 16.08 ? 48  ARG A CG  1 
ATOM   347 C CD  . ARG A 1 48 ? 2.053   -5.465  15.732  1.00 20.75 ? 48  ARG A CD  1 
ATOM   348 N NE  . ARG A 1 48 ? 1.087   -6.349  16.381  1.00 22.29 ? 48  ARG A NE  1 
ATOM   349 C CZ  . ARG A 1 48 ? 1.183   -6.755  17.647  1.00 23.34 ? 48  ARG A CZ  1 
ATOM   350 N NH1 . ARG A 1 48 ? 2.216   -6.377  18.397  1.00 22.60 ? 48  ARG A NH1 1 
ATOM   351 N NH2 . ARG A 1 48 ? 0.239   -7.532  18.160  1.00 23.11 ? 48  ARG A NH2 1 
ATOM   352 N N   . GLU A 1 49 ? 5.811   -2.623  14.736  1.00 15.04 ? 49  GLU A N   1 
ATOM   353 C CA  . GLU A 1 49 ? 7.059   -1.893  14.905  1.00 15.79 ? 49  GLU A CA  1 
ATOM   354 C C   . GLU A 1 49 ? 8.266   -2.829  15.009  1.00 15.10 ? 49  GLU A C   1 
ATOM   355 O O   . GLU A 1 49 ? 8.246   -3.801  15.765  1.00 14.10 ? 49  GLU A O   1 
ATOM   356 C CB  . GLU A 1 49 ? 6.979   -1.002  16.147  1.00 15.26 ? 49  GLU A CB  1 
ATOM   357 C CG  . GLU A 1 49 ? 8.168   -0.075  16.276  1.00 17.78 ? 49  GLU A CG  1 
ATOM   358 C CD  . GLU A 1 49 ? 8.049   0.923   17.428  1.00 18.76 ? 49  GLU A CD  1 
ATOM   359 O OE1 . GLU A 1 49 ? 7.160   0.761   18.303  1.00 22.20 ? 49  GLU A OE1 1 
ATOM   360 O OE2 . GLU A 1 49 ? 8.874   1.860   17.454  1.00 22.39 ? 49  GLU A OE2 1 
ATOM   361 N N   . ARG A 1 50 ? 9.306   -2.499  14.240  1.00 15.34 ? 50  ARG A N   1 
ATOM   362 C CA  . ARG A 1 50 ? 10.584  -3.232  14.176  1.00 15.69 ? 50  ARG A CA  1 
ATOM   363 C C   . ARG A 1 50 ? 10.582  -4.366  13.168  1.00 15.26 ? 50  ARG A C   1 
ATOM   364 O O   . ARG A 1 50 ? 11.646  -4.754  12.687  1.00 15.34 ? 50  ARG A O   1 
ATOM   365 C CB  . ARG A 1 50 ? 11.051  -3.766  15.541  1.00 15.87 ? 50  ARG A CB  1 
ATOM   366 C CG  . ARG A 1 50 ? 11.304  -2.720  16.589  1.00 17.32 ? 50  ARG A CG  1 
ATOM   367 C CD  . ARG A 1 50 ? 12.110  -1.545  16.063  1.00 20.72 ? 50  ARG A CD  1 
ATOM   368 N NE  . ARG A 1 50 ? 11.934  -0.399  16.962  1.00 25.33 ? 50  ARG A NE  1 
ATOM   369 C CZ  . ARG A 1 50 ? 12.625  -0.204  18.093  1.00 24.74 ? 50  ARG A CZ  1 
ATOM   370 N NH1 . ARG A 1 50 ? 13.567  -1.070  18.470  1.00 23.60 ? 50  ARG A NH1 1 
ATOM   371 N NH2 . ARG A 1 50 ? 12.375  0.865   18.843  1.00 24.03 ? 50  ARG A NH2 1 
ATOM   372 N N   . ALA A 1 51 ? 9.402   -4.906  12.862  1.00 14.90 ? 51  ALA A N   1 
ATOM   373 C CA  . ALA A 1 51 ? 9.284   -6.016  11.914  1.00 13.96 ? 51  ALA A CA  1 
ATOM   374 C C   . ALA A 1 51 ? 9.821   -5.574  10.556  1.00 13.71 ? 51  ALA A C   1 
ATOM   375 O O   . ALA A 1 51 ? 9.694   -4.428  10.193  1.00 13.21 ? 51  ALA A O   1 
ATOM   376 C CB  . ALA A 1 51 ? 7.855   -6.484  11.803  1.00 14.05 ? 51  ALA A CB  1 
ATOM   377 N N   . ALA A 1 52 ? 10.465  -6.494  9.844   1.00 13.73 ? 52  ALA A N   1 
ATOM   378 C CA  . ALA A 1 52 ? 10.988  -6.231  8.513   1.00 13.77 ? 52  ALA A CA  1 
ATOM   379 C C   . ALA A 1 52 ? 9.868   -5.959  7.514   1.00 13.36 ? 52  ALA A C   1 
ATOM   380 O O   . ALA A 1 52 ? 8.798   -6.559  7.581   1.00 13.12 ? 52  ALA A O   1 
ATOM   381 C CB  . ALA A 1 52 ? 11.850  -7.403  8.043   1.00 13.71 ? 52  ALA A CB  1 
ATOM   382 N N   . CYS A 1 53 ? 10.131  -5.050  6.585   1.00 13.75 ? 53  CYS A N   1 
ATOM   383 C CA  . CYS A 1 53 ? 9.155   -4.660  5.579   1.00 15.14 ? 53  CYS A CA  1 
ATOM   384 C C   . CYS A 1 53 ? 9.840   -4.357  4.255   1.00 15.63 ? 53  CYS A C   1 
ATOM   385 O O   . CYS A 1 53 ? 10.997  -3.922  4.237   1.00 15.24 ? 53  CYS A O   1 
ATOM   386 C CB  . CYS A 1 53 ? 8.410   -3.410  6.034   1.00 15.10 ? 53  CYS A CB  1 
ATOM   387 S SG  . CYS A 1 53 ? 9.532   -2.102  6.567   1.00 17.60 ? 53  CYS A SG  1 
ATOM   388 N N   . LYS A 1 54 ? 9.104   -4.565  3.161   1.00 16.31 ? 54  LYS A N   1 
ATOM   389 C CA  . LYS A 1 54 ? 9.561   -4.165  1.831   1.00 17.45 ? 54  LYS A CA  1 
ATOM   390 C C   . LYS A 1 54 ? 9.085   -2.757  1.529   1.00 17.48 ? 54  LYS A C   1 
ATOM   391 O O   . LYS A 1 54 ? 7.976   -2.379  1.887   1.00 17.15 ? 54  LYS A O   1 
ATOM   392 C CB  . LYS A 1 54 ? 9.044   -5.117  0.758   1.00 17.64 ? 54  LYS A CB  1 
ATOM   393 C CG  . LYS A 1 54 ? 9.246   -6.609  1.054   1.00 19.13 ? 54  LYS A CG  1 
ATOM   394 C CD  . LYS A 1 54 ? 8.235   -7.469  0.267   1.00 22.58 ? 54  LYS A CD  1 
ATOM   395 C CE  . LYS A 1 54 ? 8.482   -7.362  -1.241  1.00 25.13 ? 54  LYS A CE  1 
ATOM   396 N NZ  . LYS A 1 54 ? 7.809   -8.435  -2.065  1.00 26.55 ? 54  LYS A NZ  1 
ATOM   397 N N   . THR A 1 55 ? 9.929   -1.984  0.854   1.00 18.44 ? 55  THR A N   1 
ATOM   398 C CA  . THR A 1 55 ? 9.629   -0.582  0.555   1.00 19.24 ? 55  THR A CA  1 
ATOM   399 C C   . THR A 1 55 ? 8.276   -0.411  -0.191  1.00 19.01 ? 55  THR A C   1 
ATOM   400 O O   . THR A 1 55 ? 7.944   -1.149  -1.137  1.00 19.32 ? 55  THR A O   1 
ATOM   401 C CB  . THR A 1 55 ? 10.784  0.090   -0.249  1.00 19.77 ? 55  THR A CB  1 
ATOM   402 O OG1 . THR A 1 55 ? 10.992  -0.621  -1.470  1.00 21.62 ? 55  THR A OG1 1 
ATOM   403 C CG2 . THR A 1 55 ? 12.067  0.061   0.514   1.00 19.35 ? 55  THR A CG2 1 
ATOM   404 N N   . TYR A 1 56 ? 7.484   0.534   0.280   1.00 18.61 ? 56  TYR A N   1 
ATOM   405 C CA  . TYR A 1 56 ? 6.212   0.842   -0.349  1.00 18.90 ? 56  TYR A CA  1 
ATOM   406 C C   . TYR A 1 56 ? 6.286   2.242   -0.920  1.00 18.84 ? 56  TYR A C   1 
ATOM   407 O O   . TYR A 1 56 ? 6.475   3.214   -0.173  1.00 18.12 ? 56  TYR A O   1 
ATOM   408 C CB  . TYR A 1 56 ? 5.051   0.762   0.649   1.00 18.59 ? 56  TYR A CB  1 
ATOM   409 C CG  . TYR A 1 56 ? 3.707   1.025   0.004   1.00 19.39 ? 56  TYR A CG  1 
ATOM   410 C CD1 . TYR A 1 56 ? 2.978   -0.010  -0.575  1.00 19.22 ? 56  TYR A CD1 1 
ATOM   411 C CD2 . TYR A 1 56 ? 3.175   2.316   -0.052  1.00 21.11 ? 56  TYR A CD2 1 
ATOM   412 C CE1 . TYR A 1 56 ? 1.750   0.227   -1.178  1.00 19.63 ? 56  TYR A CE1 1 
ATOM   413 C CE2 . TYR A 1 56 ? 1.945   2.567   -0.672  1.00 20.29 ? 56  TYR A CE2 1 
ATOM   414 C CZ  . TYR A 1 56 ? 1.243   1.507   -1.220  1.00 19.54 ? 56  TYR A CZ  1 
ATOM   415 O OH  . TYR A 1 56 ? 0.030   1.727   -1.815  1.00 20.29 ? 56  TYR A OH  1 
ATOM   416 N N   . SER A 1 57 ? 6.127   2.333   -2.241  1.00 18.91 ? 57  SER A N   1 
ATOM   417 C CA  . SER A 1 57 ? 6.033   3.622   -2.928  1.00 19.24 ? 57  SER A CA  1 
ATOM   418 C C   . SER A 1 57 ? 5.108   3.496   -4.135  1.00 19.06 ? 57  SER A C   1 
ATOM   419 O O   . SER A 1 57 ? 5.457   2.864   -5.128  1.00 18.36 ? 57  SER A O   1 
ATOM   420 C CB  . SER A 1 57 ? 7.417   4.148   -3.336  1.00 19.39 ? 57  SER A CB  1 
ATOM   421 O OG  . SER A 1 57 ? 7.304   5.383   -4.034  1.00 20.90 ? 57  SER A OG  1 
ATOM   422 N N   . LYS A 1 58 ? 3.916   4.083   -4.011  1.00 20.02 ? 58  LYS A N   1 
ATOM   423 C CA  . LYS A 1 58 ? 2.903   4.080   -5.077  1.00 21.17 ? 58  LYS A CA  1 
ATOM   424 C C   . LYS A 1 58 ? 3.338   4.953   -6.252  1.00 22.24 ? 58  LYS A C   1 
ATOM   425 O O   . LYS A 1 58 ? 3.043   4.630   -7.406  1.00 22.54 ? 58  LYS A O   1 
ATOM   426 C CB  . LYS A 1 58 ? 1.539   4.530   -4.558  1.00 20.58 ? 58  LYS A CB  1 
ATOM   427 C CG  . LYS A 1 58 ? 1.427   5.995   -4.283  1.00 19.51 ? 58  LYS A CG  1 
ATOM   428 C CD  . LYS A 1 58 ? 0.006   6.389   -3.982  1.00 19.28 ? 58  LYS A CD  1 
ATOM   429 C CE  . LYS A 1 58 ? -0.047  7.839   -3.564  1.00 20.32 ? 58  LYS A CE  1 
ATOM   430 N NZ  . LYS A 1 58 ? -1.435  8.345   -3.502  1.00 22.03 ? 58  LYS A NZ  1 
ATOM   431 N N   . GLU A 1 59 ? 4.066   6.028   -5.944  1.00 23.21 ? 59  GLU A N   1 
ATOM   432 C CA  . GLU A 1 59 ? 4.669   6.913   -6.946  1.00 24.26 ? 59  GLU A CA  1 
ATOM   433 C C   . GLU A 1 59 ? 5.563   6.136   -7.872  1.00 24.58 ? 59  GLU A C   1 
ATOM   434 O O   . GLU A 1 59 ? 5.859   6.563   -8.979  1.00 25.23 ? 59  GLU A O   1 
ATOM   435 C CB  . GLU A 1 59 ? 5.518   7.988   -6.259  1.00 24.13 ? 59  GLU A CB  1 
ATOM   436 C CG  . GLU A 1 59 ? 4.731   9.034   -5.500  1.00 24.53 ? 59  GLU A CG  1 
ATOM   437 C CD  . GLU A 1 59 ? 4.086   8.519   -4.224  1.00 24.19 ? 59  GLU A CD  1 
ATOM   438 O OE1 . GLU A 1 59 ? 3.035   9.071   -3.841  1.00 25.42 ? 59  GLU A OE1 1 
ATOM   439 O OE2 . GLU A 1 59 ? 4.615   7.582   -3.592  1.00 23.40 ? 59  GLU A OE2 1 
ATOM   440 N N   . ILE A 1 60 ? 5.981   4.976   -7.402  1.00 25.49 ? 60  ILE A N   1 
ATOM   441 C CA  . ILE A 1 60 ? 7.018   4.201   -8.047  1.00 26.41 ? 60  ILE A CA  1 
ATOM   442 C C   . ILE A 1 60 ? 6.475   2.863   -8.549  1.00 26.24 ? 60  ILE A C   1 
ATOM   443 O O   . ILE A 1 60 ? 7.141   2.156   -9.329  1.00 26.98 ? 60  ILE A O   1 
ATOM   444 C CB  . ILE A 1 60 ? 8.193   4.003   -7.034  1.00 26.73 ? 60  ILE A CB  1 
ATOM   445 C CG1 . ILE A 1 60 ? 9.488   4.608   -7.560  1.00 27.82 ? 60  ILE A CG1 1 
ATOM   446 C CG2 . ILE A 1 60 ? 8.361   2.567   -6.611  1.00 28.05 ? 60  ILE A CG2 1 
ATOM   447 C CD1 . ILE A 1 60 ? 9.682   6.050   -7.149  1.00 27.84 ? 60  ILE A CD1 1 
ATOM   448 N N   . GLY A 1 61 ? 5.273   2.516   -8.081  1.00 25.49 ? 61  GLY A N   1 
ATOM   449 C CA  . GLY A 1 61 ? 4.655   1.226   -8.370  1.00 23.76 ? 61  GLY A CA  1 
ATOM   450 C C   . GLY A 1 61 ? 5.135   0.051   -7.533  1.00 22.93 ? 61  GLY A C   1 
ATOM   451 O O   . GLY A 1 61 ? 4.819   -1.093  -7.848  1.00 23.02 ? 61  GLY A O   1 
ATOM   452 N N   . GLU A 1 62 ? 5.886   0.311   -6.466  1.00 22.14 ? 62  GLU A N   1 
ATOM   453 C CA  . GLU A 1 62 ? 6.311   -0.760  -5.550  1.00 21.02 ? 62  GLU A CA  1 
ATOM   454 C C   . GLU A 1 62 ? 5.348   -0.869  -4.402  1.00 19.30 ? 62  GLU A C   1 
ATOM   455 O O   . GLU A 1 62 ? 5.440   -0.120  -3.448  1.00 19.04 ? 62  GLU A O   1 
ATOM   456 C CB  . GLU A 1 62 ? 7.711   -0.506  -5.003  1.00 21.57 ? 62  GLU A CB  1 
ATOM   457 C CG  . GLU A 1 62 ? 8.805   -0.745  -6.015  1.00 25.09 ? 62  GLU A CG  1 
ATOM   458 C CD  . GLU A 1 62 ? 8.871   -2.178  -6.539  1.00 28.33 ? 62  GLU A CD  1 
ATOM   459 O OE1 . GLU A 1 62 ? 8.949   -3.128  -5.731  1.00 30.42 ? 62  GLU A OE1 1 
ATOM   460 O OE2 . GLU A 1 62 ? 8.858   -2.344  -7.774  1.00 30.95 ? 62  GLU A OE2 1 
ATOM   461 N N   . THR A 1 63 ? 4.423   -1.820  -4.506  1.00 17.98 ? 63  THR A N   1 
ATOM   462 C CA  . THR A 1 63 ? 3.234   -1.843  -3.662  1.00 16.36 ? 63  THR A CA  1 
ATOM   463 C C   . THR A 1 63 ? 2.999   -3.207  -3.013  1.00 16.04 ? 63  THR A C   1 
ATOM   464 O O   . THR A 1 63 ? 2.056   -3.922  -3.385  1.00 15.42 ? 63  THR A O   1 
ATOM   465 C CB  . THR A 1 63 ? 1.974   -1.426  -4.444  1.00 15.39 ? 63  THR A CB  1 
ATOM   466 O OG1 . THR A 1 63 ? 1.847   -2.254  -5.594  1.00 14.41 ? 63  THR A OG1 1 
ATOM   467 C CG2 . THR A 1 63 ? 2.083   -0.002  -4.908  1.00 15.01 ? 63  THR A CG2 1 
ATOM   468 N N   . PRO A 1 64 ? 3.848   -3.564  -2.026  1.00 15.63 ? 64  PRO A N   1 
ATOM   469 C CA  . PRO A 1 64 ? 3.677   -4.844  -1.330  1.00 15.60 ? 64  PRO A CA  1 
ATOM   470 C C   . PRO A 1 64 ? 2.373   -4.860  -0.543  1.00 15.09 ? 64  PRO A C   1 
ATOM   471 O O   . PRO A 1 64 ? 1.944   -3.821  -0.047  1.00 15.00 ? 64  PRO A O   1 
ATOM   472 C CB  . PRO A 1 64 ? 4.874   -4.898  -0.369  1.00 15.57 ? 64  PRO A CB  1 
ATOM   473 C CG  . PRO A 1 64 ? 5.312   -3.475  -0.202  1.00 15.93 ? 64  PRO A CG  1 
ATOM   474 C CD  . PRO A 1 64 ? 4.991   -2.791  -1.499  1.00 15.69 ? 64  PRO A CD  1 
ATOM   475 N N   . SER A 1 65 ? 1.752   -6.034  -0.438  1.00 14.32 ? 65  SER A N   1 
ATOM   476 C CA  . SER A 1 65 ? 0.499   -6.184  0.295   1.00 14.35 ? 65  SER A CA  1 
ATOM   477 C C   . SER A 1 65 ? 0.702   -6.208  1.794   1.00 13.58 ? 65  SER A C   1 
ATOM   478 O O   . SER A 1 65 ? -0.247  -6.095  2.557   1.00 13.29 ? 65  SER A O   1 
ATOM   479 C CB  . SER A 1 65 ? -0.225  -7.449  -0.155  1.00 14.91 ? 65  SER A CB  1 
ATOM   480 O OG  . SER A 1 65 ? -0.662  -7.272  -1.494  1.00 17.53 ? 65  SER A OG  1 
ATOM   481 N N   . ALA A 1 66 ? 1.944   -6.363  2.218   1.00 12.91 ? 66  ALA A N   1 
ATOM   482 C CA  . ALA A 1 66 ? 2.262   -6.385  3.635   1.00 12.16 ? 66  ALA A CA  1 
ATOM   483 C C   . ALA A 1 66 ? 2.909   -5.059  3.945   1.00 11.53 ? 66  ALA A C   1 
ATOM   484 O O   . ALA A 1 66 ? 3.990   -4.753  3.454   1.00 10.74 ? 66  ALA A O   1 
ATOM   485 C CB  . ALA A 1 66 ? 3.200   -7.547  3.961   1.00 11.80 ? 66  ALA A CB  1 
ATOM   486 N N   . VAL A 1 67 ? 2.232   -4.262  4.753   1.00 11.78 ? 67  VAL A N   1 
ATOM   487 C CA  . VAL A 1 67 ? 2.678   -2.898  5.015   1.00 12.47 ? 67  VAL A CA  1 
ATOM   488 C C   . VAL A 1 67 ? 2.731   -2.612  6.517   1.00 12.28 ? 67  VAL A C   1 
ATOM   489 O O   . VAL A 1 67 ? 2.055   -3.273  7.301   1.00 12.78 ? 67  VAL A O   1 
ATOM   490 C CB  . VAL A 1 67 ? 1.818   -1.848  4.230   1.00 12.14 ? 67  VAL A CB  1 
ATOM   491 C CG1 . VAL A 1 67 ? 2.182   -1.854  2.727   1.00 13.20 ? 67  VAL A CG1 1 
ATOM   492 C CG2 . VAL A 1 67 ? 0.324   -2.073  4.447   1.00 12.78 ? 67  VAL A CG2 1 
ATOM   493 N N   . CYS A 1 68 ? 3.550   -1.654  6.922   1.00 12.25 ? 68  CYS A N   1 
ATOM   494 C CA  . CYS A 1 68 ? 3.613   -1.263  8.330   1.00 13.96 ? 68  CYS A CA  1 
ATOM   495 C C   . CYS A 1 68 ? 2.272   -0.724  8.812   1.00 14.41 ? 68  CYS A C   1 
ATOM   496 O O   . CYS A 1 68 ? 1.578   -0.016  8.063   1.00 15.11 ? 68  CYS A O   1 
ATOM   497 C CB  . CYS A 1 68 ? 4.709   -0.211  8.549   1.00 13.83 ? 68  CYS A CB  1 
ATOM   498 S SG  . CYS A 1 68 ? 6.318   -0.800  8.032   1.00 15.35 ? 68  CYS A SG  1 
ATOM   499 N N   . GLN A 1 69 ? 1.910   -1.052  10.045  1.00 14.89 ? 69  GLN A N   1 
ATOM   500 C CA  . GLN A 1 69 ? 0.639   -0.593  10.594  1.00 15.88 ? 69  GLN A CA  1 
ATOM   501 C C   . GLN A 1 69 ? 0.728   0.897   10.928  1.00 16.29 ? 69  GLN A C   1 
ATOM   502 O O   . GLN A 1 69 ? 1.491   1.302   11.812  1.00 15.70 ? 69  GLN A O   1 
ATOM   503 C CB  . GLN A 1 69 ? 0.219   -1.431  11.807  1.00 15.64 ? 69  GLN A CB  1 
ATOM   504 C CG  . GLN A 1 69 ? -1.211  -1.175  12.300  1.00 16.86 ? 69  GLN A CG  1 
ATOM   505 C CD  . GLN A 1 69 ? -1.748  -2.271  13.231  1.00 16.62 ? 69  GLN A CD  1 
ATOM   506 O OE1 . GLN A 1 69 ? -1.001  -2.884  14.002  1.00 18.36 ? 69  GLN A OE1 1 
ATOM   507 N NE2 . GLN A 1 69 ? -3.051  -2.518  13.157  1.00 17.46 ? 69  GLN A NE2 1 
ATOM   508 N N   . GLU A 1 70 ? -0.058  1.698   10.199  1.00 17.05 ? 70  GLU A N   1 
ATOM   509 C CA  . GLU A 1 70 ? -0.100  3.162   10.344  1.00 17.81 ? 70  GLU A CA  1 
ATOM   510 C C   . GLU A 1 70 ? -0.146  3.594   11.799  1.00 17.75 ? 70  GLU A C   1 
ATOM   511 O O   . GLU A 1 70 ? -0.860  2.973   12.592  1.00 18.25 ? 70  GLU A O   1 
ATOM   512 C CB  . GLU A 1 70 ? -1.297  3.750   9.575   1.00 18.20 ? 70  GLU A CB  1 
ATOM   513 C CG  . GLU A 1 70 ? -1.111  3.799   8.071   1.00 19.48 ? 70  GLU A CG  1 
ATOM   514 C CD  . GLU A 1 70 ? -1.479  2.490   7.373   1.00 21.89 ? 70  GLU A CD  1 
ATOM   515 O OE1 . GLU A 1 70 ? -1.039  2.288   6.212   1.00 21.79 ? 70  GLU A OE1 1 
ATOM   516 O OE2 . GLU A 1 70 ? -2.198  1.671   7.987   1.00 20.86 ? 70  GLU A OE2 1 
ATOM   517 N N   . PRO A 1 71 ? 0.600   4.661   12.164  1.00 17.64 ? 71  PRO A N   1 
ATOM   518 C CA  . PRO A 1 71 ? 1.407   5.565   11.345  1.00 18.22 ? 71  PRO A CA  1 
ATOM   519 C C   . PRO A 1 71 ? 2.877   5.148   11.187  1.00 18.72 ? 71  PRO A C   1 
ATOM   520 O O   . PRO A 1 71 ? 3.725   5.981   10.838  1.00 19.42 ? 71  PRO A O   1 
ATOM   521 C CB  . PRO A 1 71 ? 1.322   6.884   12.123  1.00 18.17 ? 71  PRO A CB  1 
ATOM   522 C CG  . PRO A 1 71 ? 1.167   6.471   13.548  1.00 17.54 ? 71  PRO A CG  1 
ATOM   523 C CD  . PRO A 1 71 ? 0.652   5.050   13.583  1.00 17.90 ? 71  PRO A CD  1 
ATOM   524 N N   . LEU A 1 72 ? 3.177   3.877   11.451  1.00 18.97 ? 72  LEU A N   1 
ATOM   525 C CA  . LEU A 1 72 ? 4.527   3.326   11.256  1.00 18.41 ? 72  LEU A CA  1 
ATOM   526 C C   . LEU A 1 72 ? 4.917   3.420   9.800   1.00 18.53 ? 72  LEU A C   1 
ATOM   527 O O   . LEU A 1 72 ? 4.071   3.229   8.907   1.00 18.04 ? 72  LEU A O   1 
ATOM   528 C CB  . LEU A 1 72 ? 4.586   1.857   11.691  1.00 18.22 ? 72  LEU A CB  1 
ATOM   529 C CG  . LEU A 1 72 ? 4.941   1.343   13.088  1.00 18.19 ? 72  LEU A CG  1 
ATOM   530 C CD1 . LEU A 1 72 ? 4.674   2.290   14.221  1.00 19.96 ? 72  LEU A CD1 1 
ATOM   531 C CD2 . LEU A 1 72 ? 4.223   0.033   13.331  1.00 17.84 ? 72  LEU A CD2 1 
ATOM   532 N N   . LYS A 1 73 ? 6.196   3.720   9.553   1.00 19.08 ? 73  LYS A N   1 
ATOM   533 C CA  . LYS A 1 73 ? 6.695   3.765   8.178   1.00 19.71 ? 73  LYS A CA  1 
ATOM   534 C C   . LYS A 1 73 ? 7.836   2.771   7.970   1.00 19.54 ? 73  LYS A C   1 
ATOM   535 O O   . LYS A 1 73 ? 8.633   2.541   8.865   1.00 19.26 ? 73  LYS A O   1 
ATOM   536 C CB  . LYS A 1 73 ? 7.121   5.196   7.771   1.00 20.47 ? 73  LYS A CB  1 
ATOM   537 C CG  . LYS A 1 73 ? 6.021   6.316   7.884   1.00 21.97 ? 73  LYS A CG  1 
ATOM   538 C CD  . LYS A 1 73 ? 4.632   5.888   7.338   1.00 24.17 ? 73  LYS A CD  1 
ATOM   539 C CE  . LYS A 1 73 ? 3.546   7.005   7.335   1.00 23.58 ? 73  LYS A CE  1 
ATOM   540 N NZ  . LYS A 1 73 ? 3.384   7.775   8.612   1.00 23.68 ? 73  LYS A NZ  1 
ATOM   541 N N   . CYS A 1 74 ? 7.898   2.187   6.783   1.00 19.47 ? 74  CYS A N   1 
ATOM   542 C CA  . CYS A 1 74 ? 8.983   1.303   6.416   1.00 19.94 ? 74  CYS A CA  1 
ATOM   543 C C   . CYS A 1 74 ? 10.240  2.084   6.055   1.00 20.57 ? 74  CYS A C   1 
ATOM   544 O O   . CYS A 1 74 ? 10.410  2.522   4.914   1.00 20.51 ? 74  CYS A O   1 
ATOM   545 C CB  . CYS A 1 74 ? 8.580   0.406   5.248   1.00 19.90 ? 74  CYS A CB  1 
ATOM   546 S SG  . CYS A 1 74 ? 9.763   -0.884  4.941   1.00 19.34 ? 74  CYS A SG  1 
ATOM   547 N N   . LEU A 1 75 ? 11.123  2.235   7.039   1.00 20.75 ? 75  LEU A N   1 
ATOM   548 C CA  . LEU A 1 75 ? 12.383  2.929   6.848   1.00 21.20 ? 75  LEU A CA  1 
ATOM   549 C C   . LEU A 1 75 ? 13.524  1.988   7.149   1.00 21.57 ? 75  LEU A C   1 
ATOM   550 O O   . LEU A 1 75 ? 13.530  1.314   8.183   1.00 21.44 ? 75  LEU A O   1 
ATOM   551 C CB  . LEU A 1 75 ? 12.480  4.156   7.761   1.00 21.27 ? 75  LEU A CB  1 
ATOM   552 C CG  . LEU A 1 75 ? 11.547  5.340   7.482   1.00 21.46 ? 75  LEU A CG  1 
ATOM   553 C CD1 . LEU A 1 75 ? 11.774  6.437   8.501   1.00 21.84 ? 75  LEU A CD1 1 
ATOM   554 C CD2 . LEU A 1 75 ? 11.761  5.876   6.066   1.00 23.20 ? 75  LEU A CD2 1 
ATOM   555 N N   . ASN A 1 76 ? 14.505  1.968   6.251   1.00 21.93 ? 76  ASN A N   1 
ATOM   556 C CA  . ASN A 1 76 ? 15.683  1.103   6.388   1.00 22.10 ? 76  ASN A CA  1 
ATOM   557 C C   . ASN A 1 76 ? 15.297  -0.383  6.447   1.00 21.28 ? 76  ASN A C   1 
ATOM   558 O O   . ASN A 1 76 ? 16.029  -1.216  6.986   1.00 21.25 ? 76  ASN A O   1 
ATOM   559 C CB  . ASN A 1 76 ? 16.555  1.539   7.584   1.00 22.67 ? 76  ASN A CB  1 
ATOM   560 C CG  . ASN A 1 76 ? 17.016  3.023   7.494   1.00 25.15 ? 76  ASN A CG  1 
ATOM   561 O OD1 . ASN A 1 76 ? 17.439  3.614   8.485   1.00 26.78 ? 76  ASN A OD1 1 
ATOM   562 N ND2 . ASN A 1 76 ? 16.931  3.611   6.306   1.00 27.54 ? 76  ASN A ND2 1 
ATOM   563 N N   . GLY A 1 77 ? 14.128  -0.697  5.883   1.00 20.66 ? 77  GLY A N   1 
ATOM   564 C CA  . GLY A 1 77 ? 13.640  -2.085  5.781   1.00 18.68 ? 77  GLY A CA  1 
ATOM   565 C C   . GLY A 1 77 ? 12.986  -2.596  7.054   1.00 17.38 ? 77  GLY A C   1 
ATOM   566 O O   . GLY A 1 77 ? 12.795  -3.787  7.212   1.00 17.05 ? 77  GLY A O   1 
ATOM   567 N N   . VAL A 1 78 ? 12.618  -1.675  7.937   1.00 16.59 ? 78  VAL A N   1 
ATOM   568 C CA  . VAL A 1 78 ? 12.076  -1.973  9.249   1.00 16.73 ? 78  VAL A CA  1 
ATOM   569 C C   . VAL A 1 78 ? 10.872  -1.033  9.489   1.00 16.70 ? 78  VAL A C   1 
ATOM   570 O O   . VAL A 1 78 ? 10.937  0.155   9.170   1.00 16.21 ? 78  VAL A O   1 
ATOM   571 C CB  . VAL A 1 78 ? 13.212  -1.771  10.319  1.00 16.67 ? 78  VAL A CB  1 
ATOM   572 C CG1 . VAL A 1 78 ? 12.678  -1.405  11.672  1.00 18.21 ? 78  VAL A CG1 1 
ATOM   573 C CG2 . VAL A 1 78 ? 14.095  -3.006  10.414  1.00 17.46 ? 78  VAL A CG2 1 
ATOM   574 N N   . CYS A 1 79 ? 9.767   -1.557  10.012  1.00 17.01 ? 79  CYS A N   1 
ATOM   575 C CA  . CYS A 1 79 ? 8.651   -0.689  10.439  1.00 17.57 ? 79  CYS A CA  1 
ATOM   576 C C   . CYS A 1 79 ? 9.050   0.214   11.612  1.00 18.37 ? 79  CYS A C   1 
ATOM   577 O O   . CYS A 1 79 ? 9.247   -0.243  12.736  1.00 18.00 ? 79  CYS A O   1 
ATOM   578 C CB  . CYS A 1 79 ? 7.403   -1.503  10.767  1.00 17.25 ? 79  CYS A CB  1 
ATOM   579 S SG  . CYS A 1 79 ? 6.697   -2.347  9.337   1.00 15.87 ? 79  CYS A SG  1 
ATOM   580 N N   . THR A 1 80 ? 9.147   1.505   11.324  1.00 19.85 ? 80  THR A N   1 
ATOM   581 C CA  . THR A 1 80 ? 9.745   2.486   12.223  1.00 21.87 ? 80  THR A CA  1 
ATOM   582 C C   . THR A 1 80 ? 8.735   3.513   12.742  1.00 23.76 ? 80  THR A C   1 
ATOM   583 O O   . THR A 1 80 ? 7.947   4.066   11.975  1.00 23.44 ? 80  THR A O   1 
ATOM   584 C CB  . THR A 1 80 ? 10.854  3.247   11.488  1.00 21.30 ? 80  THR A CB  1 
ATOM   585 O OG1 . THR A 1 80 ? 11.777  2.311   10.939  1.00 19.78 ? 80  THR A OG1 1 
ATOM   586 C CG2 . THR A 1 80 ? 11.593  4.197   12.410  1.00 21.85 ? 80  THR A CG2 1 
ATOM   587 N N   . LYS A 1 81 ? 8.759   3.751   14.048  1.00 26.51 ? 81  LYS A N   1 
ATOM   588 C CA  . LYS A 1 81 ? 8.011   4.859   14.625  1.00 30.35 ? 81  LYS A CA  1 
ATOM   589 C C   . LYS A 1 81 ? 8.635   6.181   14.176  1.00 32.60 ? 81  LYS A C   1 
ATOM   590 O O   . LYS A 1 81 ? 9.756   6.529   14.567  1.00 33.27 ? 81  LYS A O   1 
ATOM   591 C CB  . LYS A 1 81 ? 7.958   4.772   16.156  1.00 29.70 ? 81  LYS A CB  1 
ATOM   592 C CG  . LYS A 1 81 ? 6.990   5.773   16.788  1.00 30.27 ? 81  LYS A CG  1 
ATOM   593 C CD  . LYS A 1 81 ? 6.949   5.647   18.307  1.00 31.17 ? 81  LYS A CD  1 
ATOM   594 C CE  . LYS A 1 81 ? 6.320   4.325   18.774  1.00 33.19 ? 81  LYS A CE  1 
ATOM   595 N NZ  . LYS A 1 81 ? 6.434   4.120   20.256  1.00 32.29 ? 81  LYS A NZ  1 
ATOM   596 N N   . VAL A 1 82 ? 7.919   6.885   13.315  1.00 35.59 ? 82  VAL A N   1 
ATOM   597 C CA  . VAL A 1 82 ? 8.297   8.227   12.913  1.00 38.54 ? 82  VAL A CA  1 
ATOM   598 C C   . VAL A 1 82 ? 7.366   9.185   13.630  1.00 40.78 ? 82  VAL A C   1 
ATOM   599 O O   . VAL A 1 82 ? 6.136   9.066   13.540  1.00 41.41 ? 82  VAL A O   1 
ATOM   600 C CB  . VAL A 1 82 ? 8.160   8.445   11.384  1.00 38.42 ? 82  VAL A CB  1 
ATOM   601 C CG1 . VAL A 1 82 ? 8.154   9.937   11.041  1.00 39.06 ? 82  VAL A CG1 1 
ATOM   602 C CG2 . VAL A 1 82 ? 9.270   7.733   10.643  1.00 38.23 ? 82  VAL A CG2 1 
ATOM   603 N N   . THR A 1 83 ? 7.946   10.121  14.359  1.00 43.34 ? 83  THR A N   1 
ATOM   604 C CA  . THR A 1 83 ? 7.163   11.211  14.886  1.00 45.86 ? 83  THR A CA  1 
ATOM   605 C C   . THR A 1 83 ? 7.696   12.512  14.243  1.00 47.32 ? 83  THR A C   1 
ATOM   606 O O   . THR A 1 83 ? 8.883   12.832  14.370  1.00 47.42 ? 83  THR A O   1 
ATOM   607 C CB  . THR A 1 83 ? 7.080   11.152  16.453  1.00 45.95 ? 83  THR A CB  1 
ATOM   608 O OG1 . THR A 1 83 ? 5.813   11.658  16.910  1.00 46.99 ? 83  THR A OG1 1 
ATOM   609 C CG2 . THR A 1 83 ? 8.226   11.887  17.131  1.00 46.50 ? 83  THR A CG2 1 
ATOM   610 N N   . PRO A 1 84 ? 6.827   13.229  13.489  1.00 48.83 ? 84  PRO A N   1 
ATOM   611 C CA  . PRO A 1 84 ? 7.249   14.425  12.745  1.00 49.73 ? 84  PRO A CA  1 
ATOM   612 C C   . PRO A 1 84 ? 7.617   15.608  13.655  1.00 50.62 ? 84  PRO A C   1 
ATOM   613 O O   . PRO A 1 84 ? 6.920   15.881  14.643  1.00 50.31 ? 84  PRO A O   1 
ATOM   614 C CB  . PRO A 1 84 ? 6.022   14.753  11.881  1.00 49.73 ? 84  PRO A CB  1 
ATOM   615 C CG  . PRO A 1 84 ? 4.870   14.223  12.666  1.00 49.65 ? 84  PRO A CG  1 
ATOM   616 C CD  . PRO A 1 84 ? 5.387   12.957  13.301  1.00 49.09 ? 84  PRO A CD  1 
ATOM   617 N N   . ARG A 1 85 ? 8.719   16.277  13.295  1.00 51.72 ? 85  ARG A N   1 
ATOM   618 C CA  . ARG A 1 85 ? 9.313   17.425  14.012  1.00 52.72 ? 85  ARG A CA  1 
ATOM   619 C C   . ARG A 1 85 ? 10.127  17.012  15.271  1.00 52.77 ? 85  ARG A C   1 
ATOM   620 O O   . ARG A 1 85 ? 11.039  17.718  15.720  1.00 52.74 ? 85  ARG A O   1 
ATOM   621 C CB  . ARG A 1 85 ? 8.264   18.528  14.286  1.00 52.94 ? 85  ARG A CB  1 
ATOM   622 C CG  . ARG A 1 85 ? 8.804   19.950  14.286  1.00 54.39 ? 85  ARG A CG  1 
ATOM   623 C CD  . ARG A 1 85 ? 9.262   20.375  15.677  1.00 57.66 ? 85  ARG A CD  1 
ATOM   624 N NE  . ARG A 1 85 ? 10.047  21.612  15.676  1.00 59.80 ? 85  ARG A NE  1 
ATOM   625 C CZ  . ARG A 1 85 ? 11.021  21.883  16.547  1.00 60.89 ? 85  ARG A CZ  1 
ATOM   626 N NH1 . ARG A 1 85 ? 11.348  20.995  17.486  1.00 61.43 ? 85  ARG A NH1 1 
ATOM   627 N NH2 . ARG A 1 85 ? 11.677  23.038  16.474  1.00 60.84 ? 85  ARG A NH2 1 
HETATM 628 C C1  . GOL B 2 .  ? 2.330   -9.166  -1.368  1.00 33.48 ? 100 GOL A C1  1 
HETATM 629 O O1  . GOL B 2 .  ? 2.368   -8.730  -2.707  1.00 32.85 ? 100 GOL A O1  1 
HETATM 630 C C2  . GOL B 2 .  ? 3.582   -8.690  -0.648  1.00 32.98 ? 100 GOL A C2  1 
HETATM 631 O O2  . GOL B 2 .  ? 3.444   -8.929  0.723   1.00 33.49 ? 100 GOL A O2  1 
HETATM 632 C C3  . GOL B 2 .  ? 4.738   -9.523  -1.149  1.00 34.94 ? 100 GOL A C3  1 
HETATM 633 O O3  . GOL B 2 .  ? 4.706   -9.478  -2.559  1.00 38.95 ? 100 GOL A O3  1 
HETATM 634 O O   . HOH C 3 .  ? 5.011   9.616   6.968   1.00 27.97 ? 87  HOH A O   1 
HETATM 635 O O   . HOH C 3 .  ? -8.868  2.257   -10.650 1.00 27.55 ? 88  HOH A O   1 
HETATM 636 O O   . HOH C 3 .  ? -4.789  -7.211  9.749   1.00 21.94 ? 89  HOH A O   1 
HETATM 637 O O   . HOH C 3 .  ? -2.395  -11.958 12.461  1.00 37.74 ? 90  HOH A O   1 
HETATM 638 O O   . HOH C 3 .  ? -3.379  1.667   11.893  1.00 21.32 ? 91  HOH A O   1 
HETATM 639 O O   . HOH C 3 .  ? -14.084 -14.233 -3.610  1.00 39.34 ? 92  HOH A O   1 
HETATM 640 O O   . HOH C 3 .  ? -0.956  12.606  -12.279 1.00 28.37 ? 93  HOH A O   1 
HETATM 641 O O   . HOH C 3 .  ? 4.044   11.591  19.457  1.00 32.40 ? 94  HOH A O   1 
HETATM 642 O O   . HOH C 3 .  ? -14.619 -12.254 -5.197  1.00 35.83 ? 95  HOH A O   1 
HETATM 643 O O   . HOH C 3 .  ? -9.663  6.918   2.002   1.00 43.62 ? 96  HOH A O   1 
HETATM 644 O O   . HOH C 3 .  ? -12.102 15.141  -9.227  1.00 35.65 ? 97  HOH A O   1 
HETATM 645 O O   . HOH C 3 .  ? 1.987   9.262   20.483  1.00 39.26 ? 98  HOH A O   1 
HETATM 646 O O   . HOH C 3 .  ? -1.676  -9.754  10.970  1.00 42.43 ? 99  HOH A O   1 
HETATM 647 O O   . HOH C 3 .  ? -10.465 14.941  -5.387  1.00 30.31 ? 101 HOH A O   1 
HETATM 648 O O   . HOH C 3 .  ? 9.034   2.094   1.825   1.00 27.86 ? 102 HOH A O   1 
HETATM 649 O O   . HOH C 3 .  ? 6.682   -6.017  3.353   1.00 11.60 ? 103 HOH A O   1 
HETATM 650 O O   . HOH C 3 .  ? -4.517  -8.573  -2.976  1.00 15.18 ? 104 HOH A O   1 
HETATM 651 O O   . HOH C 3 .  ? -2.703  1.356   1.522   1.00 22.08 ? 105 HOH A O   1 
HETATM 652 O O   . HOH C 3 .  ? 10.574  2.148   15.820  1.00 16.67 ? 106 HOH A O   1 
HETATM 653 O O   . HOH C 3 .  ? -13.007 -3.532  -5.275  1.00 16.26 ? 107 HOH A O   1 
HETATM 654 O O   . HOH C 3 .  ? -12.059 -10.761 -6.550  1.00 25.47 ? 108 HOH A O   1 
HETATM 655 O O   . HOH C 3 .  ? 0.987   1.028   14.282  1.00 7.39  ? 109 HOH A O   1 
HETATM 656 O O   . HOH C 3 .  ? 1.245   -1.547  15.230  1.00 17.74 ? 110 HOH A O   1 
HETATM 657 O O   . HOH C 3 .  ? 4.933   -4.088  -5.910  1.00 20.96 ? 111 HOH A O   1 
HETATM 658 O O   . HOH C 3 .  ? -7.630  2.570   0.442   1.00 19.37 ? 112 HOH A O   1 
HETATM 659 O O   . HOH C 3 .  ? 4.340   10.269  -8.018  1.00 34.30 ? 113 HOH A O   1 
HETATM 660 O O   . HOH C 3 .  ? 4.632   -8.055  12.221  1.00 13.38 ? 114 HOH A O   1 
HETATM 661 O O   . HOH C 3 .  ? -4.687  -0.598  11.525  1.00 11.28 ? 115 HOH A O   1 
HETATM 662 O O   . HOH C 3 .  ? -5.995  -15.151 5.006   1.00 24.17 ? 116 HOH A O   1 
HETATM 663 O O   . HOH C 3 .  ? 13.202  -6.625  11.489  1.00 15.84 ? 117 HOH A O   1 
HETATM 664 O O   . HOH C 3 .  ? -4.088  -2.611  -13.643 1.00 21.82 ? 118 HOH A O   1 
HETATM 665 O O   . HOH C 3 .  ? 5.842   -2.559  3.632   1.00 10.10 ? 119 HOH A O   1 
HETATM 666 O O   . HOH C 3 .  ? -4.896  5.962   -5.520  1.00 27.59 ? 120 HOH A O   1 
HETATM 667 O O   . HOH C 3 .  ? -10.525 1.302   1.692   1.00 28.90 ? 121 HOH A O   1 
HETATM 668 O O   . HOH C 3 .  ? 4.240   -4.169  18.432  1.00 16.90 ? 122 HOH A O   1 
HETATM 669 O O   . HOH C 3 .  ? -7.382  7.558   -6.851  1.00 22.00 ? 123 HOH A O   1 
HETATM 670 O O   . HOH C 3 .  ? -0.648  2.916   1.976   1.00 26.89 ? 124 HOH A O   1 
HETATM 671 O O   . HOH C 3 .  ? -9.569  5.976   -8.212  1.00 28.29 ? 125 HOH A O   1 
HETATM 672 O O   . HOH C 3 .  ? -0.525  -4.903  -3.194  1.00 17.65 ? 126 HOH A O   1 
HETATM 673 O O   . HOH C 3 .  ? -3.131  11.090  -15.784 1.00 27.11 ? 127 HOH A O   1 
HETATM 674 O O   . HOH C 3 .  ? -1.211  3.997   -1.063  1.00 21.02 ? 128 HOH A O   1 
HETATM 675 O O   . HOH C 3 .  ? 6.686   -4.870  17.842  1.00 17.01 ? 129 HOH A O   1 
HETATM 676 O O   . HOH C 3 .  ? -6.597  -2.237  6.609   1.00 21.27 ? 130 HOH A O   1 
HETATM 677 O O   . HOH C 3 .  ? -4.249  -6.347  -5.346  1.00 20.69 ? 131 HOH A O   1 
HETATM 678 O O   . HOH C 3 .  ? 8.777   -3.602  -2.482  1.00 19.34 ? 132 HOH A O   1 
HETATM 679 O O   . HOH C 3 .  ? -6.381  9.011   -9.190  1.00 28.91 ? 133 HOH A O   1 
HETATM 680 O O   . HOH C 3 .  ? 5.336   5.435   0.720   1.00 26.53 ? 134 HOH A O   1 
HETATM 681 O O   . HOH C 3 .  ? -14.152 -9.733  2.649   1.00 22.48 ? 135 HOH A O   1 
HETATM 682 O O   . HOH C 3 .  ? 7.192   -7.175  16.140  1.00 29.53 ? 136 HOH A O   1 
HETATM 683 O O   . HOH C 3 .  ? 1.567   -5.815  21.228  1.00 24.72 ? 137 HOH A O   1 
HETATM 684 O O   . HOH C 3 .  ? 3.676   5.948   -1.445  1.00 15.54 ? 138 HOH A O   1 
HETATM 685 O O   . HOH C 3 .  ? 5.303   -8.863  15.244  1.00 26.95 ? 139 HOH A O   1 
HETATM 686 O O   . HOH C 3 .  ? -1.019  -12.028 8.856   1.00 31.90 ? 140 HOH A O   1 
HETATM 687 O O   . HOH C 3 .  ? -2.230  -9.971  2.026   1.00 23.77 ? 141 HOH A O   1 
HETATM 688 O O   . HOH C 3 .  ? -1.653  -3.800  -9.323  1.00 17.57 ? 142 HOH A O   1 
HETATM 689 O O   . HOH C 3 .  ? 17.559  -3.724  10.560  1.00 31.89 ? 143 HOH A O   1 
HETATM 690 O O   . HOH C 3 .  ? 8.206   -8.815  8.902   1.00 16.50 ? 144 HOH A O   1 
HETATM 691 O O   . HOH C 3 .  ? -0.483  4.374   4.241   1.00 40.94 ? 145 HOH A O   1 
HETATM 692 O O   . HOH C 3 .  ? 2.083   5.410   -16.210 1.00 29.91 ? 146 HOH A O   1 
HETATM 693 O O   . HOH C 3 .  ? 0.715   -0.935  -12.075 1.00 35.41 ? 147 HOH A O   1 
HETATM 694 O O   . HOH C 3 .  ? -4.060  4.610   -0.761  1.00 35.06 ? 148 HOH A O   1 
HETATM 695 O O   . HOH C 3 .  ? 13.215  0.567   3.455   1.00 27.42 ? 149 HOH A O   1 
HETATM 696 O O   . HOH C 3 .  ? -7.913  -0.515  5.327   1.00 46.99 ? 150 HOH A O   1 
HETATM 697 O O   . HOH C 3 .  ? -2.659  -8.127  9.365   1.00 20.07 ? 151 HOH A O   1 
HETATM 698 O O   . HOH C 3 .  ? 14.565  -4.020  13.683  1.00 26.12 ? 152 HOH A O   1 
HETATM 699 O O   . HOH C 3 .  ? -4.781  14.328  -12.419 1.00 25.69 ? 153 HOH A O   1 
HETATM 700 O O   . HOH C 3 .  ? 15.097  -6.670  9.543   1.00 25.28 ? 154 HOH A O   1 
HETATM 701 O O   . HOH C 3 .  ? -8.714  8.888   -10.375 1.00 26.14 ? 155 HOH A O   1 
HETATM 702 O O   . HOH C 3 .  ? -11.096 -0.874  -9.506  1.00 32.80 ? 156 HOH A O   1 
HETATM 703 O O   . HOH C 3 .  ? -12.538 -1.095  -6.988  1.00 20.28 ? 157 HOH A O   1 
HETATM 704 O O   . HOH C 3 .  ? 14.379  2.558   10.728  1.00 12.63 ? 158 HOH A O   1 
HETATM 705 O O   . HOH C 3 .  ? -6.326  1.364   -19.370 1.00 25.95 ? 159 HOH A O   1 
HETATM 706 O O   . HOH C 3 .  ? -6.915  -5.509  -7.244  1.00 19.02 ? 160 HOH A O   1 
HETATM 707 O O   . HOH C 3 .  ? 13.979  -5.794  5.564   1.00 29.12 ? 161 HOH A O   1 
HETATM 708 O O   . HOH C 3 .  ? 3.489   -2.099  16.644  1.00 13.04 ? 162 HOH A O   1 
HETATM 709 O O   . HOH C 3 .  ? -8.468  -11.286 -3.501  1.00 33.54 ? 163 HOH A O   1 
HETATM 710 O O   . HOH C 3 .  ? 6.711   -9.900  10.872  1.00 24.62 ? 164 HOH A O   1 
HETATM 711 O O   . HOH C 3 .  ? 1.451   6.250   1.409   1.00 44.76 ? 165 HOH A O   1 
HETATM 712 O O   . HOH C 3 .  ? 11.197  -8.485  -2.904  1.00 32.78 ? 166 HOH A O   1 
HETATM 713 O O   . HOH C 3 .  ? 16.377  0.005   11.818  1.00 18.88 ? 167 HOH A O   1 
HETATM 714 O O   . HOH C 3 .  ? -6.765  16.648  -14.681 1.00 24.39 ? 168 HOH A O   1 
HETATM 715 O O   . HOH C 3 .  ? 5.140   -0.371  4.667   1.00 15.25 ? 169 HOH A O   1 
HETATM 716 O O   . HOH C 3 .  ? 1.549   1.531   5.874   1.00 24.85 ? 170 HOH A O   1 
HETATM 717 O O   . HOH C 3 .  ? -2.514  -3.973  -16.259 1.00 27.75 ? 171 HOH A O   1 
HETATM 718 O O   . HOH C 3 .  ? -10.850 0.512   -5.515  1.00 16.30 ? 172 HOH A O   1 
HETATM 719 O O   . HOH C 3 .  ? 6.151   2.886   4.381   1.00 28.04 ? 173 HOH A O   1 
HETATM 720 O O   . HOH C 3 .  ? 8.207   17.084  10.775  1.00 25.07 ? 174 HOH A O   1 
HETATM 721 O O   . HOH C 3 .  ? -9.009  4.689   -1.004  1.00 22.78 ? 175 HOH A O   1 
HETATM 722 O O   . HOH C 3 .  ? -4.657  6.525   -3.204  1.00 19.04 ? 176 HOH A O   1 
HETATM 723 O O   . HOH C 3 .  ? -1.195  -8.254  -8.509  1.00 33.95 ? 177 HOH A O   1 
HETATM 724 O O   . HOH C 3 .  ? -15.404 -0.075  4.665   1.00 35.63 ? 178 HOH A O   1 
HETATM 725 O O   . HOH C 3 .  ? 13.621  19.617  18.628  1.00 37.20 ? 179 HOH A O   1 
HETATM 726 O O   . HOH C 3 .  ? 1.555   -6.130  -10.073 1.00 33.35 ? 180 HOH A O   1 
HETATM 727 O O   . HOH C 3 .  ? -5.552  -0.357  8.761   1.00 27.64 ? 181 HOH A O   1 
HETATM 728 O O   . HOH C 3 .  ? 1.574   -3.966  -8.487  1.00 35.68 ? 182 HOH A O   1 
HETATM 729 O O   . HOH C 3 .  ? -1.902  -10.650 -0.671  1.00 28.84 ? 183 HOH A O   1 
HETATM 730 O O   . HOH C 3 .  ? 4.541   10.923  -2.338  1.00 35.09 ? 184 HOH A O   1 
HETATM 731 O O   . HOH C 3 .  ? 2.716   5.815   22.675  1.00 36.38 ? 185 HOH A O   1 
HETATM 732 O O   . HOH C 3 .  ? -12.726 7.571   -10.733 1.00 27.43 ? 186 HOH A O   1 
HETATM 733 O O   . HOH C 3 .  ? -6.289  -16.102 2.527   1.00 36.15 ? 187 HOH A O   1 
HETATM 734 O O   . HOH C 3 .  ? -0.166  3.101   -14.375 1.00 31.40 ? 188 HOH A O   1 
HETATM 735 O O   . HOH C 3 .  ? 13.643  19.139  22.318  1.00 50.78 ? 189 HOH A O   1 
# 
